data_8RP5
#
_entry.id   8RP5
#
_cell.length_a   180.619
_cell.length_b   78.989
_cell.length_c   58.923
_cell.angle_alpha   90.000
_cell.angle_beta   92.191
_cell.angle_gamma   90.000
#
_symmetry.space_group_name_H-M   'C 1 2 1'
#
loop_
_entity.id
_entity.type
_entity.pdbx_description
1 polymer 'Alpha-methylacyl-CoA racemase'
2 non-polymer 1,2-ETHANEDIOL
3 non-polymer 'TRIETHYLENE GLYCOL'
4 water water
#
_entity_poly.entity_id   1
_entity_poly.type   'polypeptide(L)'
_entity_poly.pdbx_seq_one_letter_code
;MMAGPLSGLRVVELAGIGPGPHAAMILGDLGADVVRIDRPSSVDGISRDAMLRNRRIVTADLKSDQGLELALKLIAKADV
LIEGYRPGVTERLGLGPEECAKVNDRLIYARMTGWGQTGPRSQQAGHDINYISLNGILHAIGRGDERPVPPLNLVGDFGG
GSMFLLVGILAALWERQSSGKGQVVDAAMVDGSSVLIQMMWAMRATGMWTDTRGANMLDGGAPYYDTYECADGRYVAVGA
IAPQFYAAMLAGLGLDAAELPPQNDRARWPELRALLTEAFASHDRDHWGAVFANSDACVTPVLAFGEVHNEPHIIERNTF
YEANGGWQPMPAPRFSRTASSQPRPPAATIDIEAVLTDWDGGSGC
;
_entity_poly.pdbx_strand_id   A,B
#
loop_
_chem_comp.id
_chem_comp.type
_chem_comp.name
_chem_comp.formula
EDO non-polymer 1,2-ETHANEDIOL 'C2 H6 O2'
PGE non-polymer 'TRIETHYLENE GLYCOL' 'C6 H14 O4'
#
# COMPACT_ATOMS: atom_id res chain seq x y z
N MET A 2 -26.18 -3.34 5.94
CA MET A 2 -24.88 -3.33 5.20
C MET A 2 -23.94 -4.28 5.94
N ALA A 3 -23.48 -5.32 5.24
CA ALA A 3 -22.65 -6.36 5.84
C ALA A 3 -21.17 -5.95 5.97
N GLY A 4 -20.59 -6.32 7.12
CA GLY A 4 -19.16 -6.28 7.37
C GLY A 4 -18.86 -5.70 8.75
N PRO A 5 -17.59 -5.69 9.15
CA PRO A 5 -17.32 -5.30 10.53
C PRO A 5 -17.52 -3.82 10.82
N LEU A 6 -17.61 -2.98 9.79
CA LEU A 6 -17.80 -1.54 9.99
C LEU A 6 -19.27 -1.13 9.87
N SER A 7 -20.15 -2.11 9.76
CA SER A 7 -21.58 -1.86 9.93
C SER A 7 -21.85 -0.87 11.04
N GLY A 8 -22.48 0.25 10.75
CA GLY A 8 -22.81 1.18 11.82
C GLY A 8 -22.01 2.44 11.77
N LEU A 9 -20.85 2.34 11.10
CA LEU A 9 -19.97 3.48 11.02
C LEU A 9 -20.55 4.46 10.02
N ARG A 10 -20.44 5.77 10.31
CA ARG A 10 -20.98 6.76 9.40
C ARG A 10 -19.89 7.71 8.92
N VAL A 11 -19.82 7.88 7.57
CA VAL A 11 -18.72 8.56 6.95
C VAL A 11 -19.26 9.59 5.98
N VAL A 12 -18.86 10.84 6.13
CA VAL A 12 -19.03 11.83 5.09
C VAL A 12 -17.71 11.99 4.31
N GLU A 13 -17.82 11.91 2.98
CA GLU A 13 -16.67 12.03 2.07
C GLU A 13 -16.83 13.29 1.23
N LEU A 14 -15.93 14.24 1.33
CA LEU A 14 -16.02 15.40 0.47
C LEU A 14 -15.34 15.05 -0.87
N ALA A 15 -16.13 15.02 -1.95
CA ALA A 15 -15.69 14.48 -3.23
C ALA A 15 -14.37 15.07 -3.66
N GLY A 16 -13.45 14.17 -3.99
CA GLY A 16 -12.22 14.54 -4.67
C GLY A 16 -11.65 13.32 -5.40
N ILE A 17 -10.31 13.30 -5.56
CA ILE A 17 -9.63 12.40 -6.47
C ILE A 17 -8.67 11.42 -5.75
N GLY A 18 -8.73 10.17 -6.18
CA GLY A 18 -7.59 9.28 -6.09
C GLY A 18 -7.54 8.70 -4.70
N PRO A 19 -6.71 9.19 -3.75
CA PRO A 19 -6.53 8.44 -2.55
C PRO A 19 -7.87 8.59 -1.80
N GLY A 20 -8.39 9.79 -1.57
CA GLY A 20 -9.53 9.88 -0.64
C GLY A 20 -10.72 8.97 -1.01
N PRO A 21 -11.18 8.97 -2.27
CA PRO A 21 -12.24 8.06 -2.66
C PRO A 21 -11.96 6.58 -2.47
N HIS A 22 -10.69 6.19 -2.49
CA HIS A 22 -10.27 4.78 -2.36
C HIS A 22 -10.44 4.37 -0.90
N ALA A 23 -10.08 5.26 0.02
CA ALA A 23 -10.29 5.10 1.47
C ALA A 23 -11.79 4.97 1.78
N ALA A 24 -12.58 5.90 1.28
CA ALA A 24 -14.05 5.84 1.43
C ALA A 24 -14.64 4.52 0.91
N MET A 25 -14.12 4.03 -0.20
CA MET A 25 -14.51 2.77 -0.79
C MET A 25 -14.29 1.60 0.15
N ILE A 26 -13.09 1.55 0.77
CA ILE A 26 -12.74 0.37 1.53
C ILE A 26 -13.61 0.35 2.79
N LEU A 27 -14.00 1.54 3.28
CA LEU A 27 -14.82 1.63 4.49
C LEU A 27 -16.22 1.10 4.14
N GLY A 28 -16.71 1.54 2.96
CA GLY A 28 -18.00 1.12 2.46
C GLY A 28 -17.98 -0.40 2.23
N ASP A 29 -16.90 -0.91 1.63
CA ASP A 29 -16.73 -2.33 1.37
C ASP A 29 -16.81 -3.19 2.65
N LEU A 30 -16.45 -2.57 3.77
CA LEU A 30 -16.44 -3.27 5.04
C LEU A 30 -17.69 -2.95 5.86
N GLY A 31 -18.69 -2.30 5.26
CA GLY A 31 -19.96 -2.16 5.94
C GLY A 31 -20.28 -0.72 6.29
N ALA A 32 -19.30 0.20 6.30
CA ALA A 32 -19.66 1.55 6.65
C ALA A 32 -20.80 2.07 5.76
N ASP A 33 -21.37 3.15 6.31
CA ASP A 33 -22.42 3.94 5.70
C ASP A 33 -21.75 5.21 5.23
N VAL A 34 -21.44 5.26 3.92
CA VAL A 34 -20.67 6.34 3.37
C VAL A 34 -21.56 7.25 2.56
N VAL A 35 -21.39 8.58 2.72
CA VAL A 35 -22.18 9.54 1.99
C VAL A 35 -21.23 10.59 1.45
N ARG A 36 -21.21 10.66 0.12
CA ARG A 36 -20.27 11.43 -0.60
C ARG A 36 -21.03 12.67 -1.03
N ILE A 37 -20.48 13.81 -0.69
CA ILE A 37 -21.02 15.09 -1.13
C ILE A 37 -20.24 15.55 -2.35
N ASP A 38 -20.93 15.67 -3.50
CA ASP A 38 -20.39 16.17 -4.73
C ASP A 38 -21.00 17.55 -5.06
N ARG A 39 -20.45 18.14 -6.12
CA ARG A 39 -20.88 19.43 -6.63
C ARG A 39 -22.19 19.22 -7.40
N PRO A 40 -23.07 20.24 -7.51
CA PRO A 40 -24.10 20.20 -8.55
C PRO A 40 -23.50 20.20 -9.97
N ILE A 46 -26.16 8.47 -12.71
CA ILE A 46 -25.44 7.29 -12.14
C ILE A 46 -23.97 7.39 -12.54
N SER A 47 -23.03 7.38 -11.58
CA SER A 47 -21.65 7.17 -11.95
C SER A 47 -21.44 5.72 -12.41
N ARG A 48 -20.61 5.63 -13.48
CA ARG A 48 -20.04 4.41 -14.05
C ARG A 48 -18.58 4.33 -13.55
N ASP A 49 -18.32 4.68 -12.27
CA ASP A 49 -16.95 4.57 -11.76
C ASP A 49 -16.97 3.55 -10.60
N ALA A 50 -16.55 2.31 -10.90
CA ALA A 50 -16.77 1.21 -9.97
C ALA A 50 -16.15 1.65 -8.66
N MET A 51 -15.20 2.62 -8.73
CA MET A 51 -14.56 3.08 -7.51
C MET A 51 -15.68 3.66 -6.67
N LEU A 52 -16.71 4.28 -7.27
CA LEU A 52 -17.63 4.88 -6.31
C LEU A 52 -18.64 3.88 -5.78
N ARG A 53 -18.30 2.58 -5.80
CA ARG A 53 -19.15 1.59 -5.22
C ARG A 53 -19.36 1.87 -3.73
N ASN A 54 -20.35 1.20 -3.13
CA ASN A 54 -20.72 1.23 -1.70
C ASN A 54 -20.82 2.66 -1.17
N ARG A 55 -21.54 3.52 -1.86
CA ARG A 55 -21.79 4.90 -1.42
C ARG A 55 -23.25 5.34 -1.64
N ARG A 56 -23.62 6.48 -1.06
CA ARG A 56 -24.73 7.28 -1.54
C ARG A 56 -24.13 8.62 -1.89
N ILE A 57 -24.55 9.19 -3.01
CA ILE A 57 -24.01 10.46 -3.48
C ILE A 57 -25.09 11.48 -3.21
N VAL A 58 -24.68 12.60 -2.64
CA VAL A 58 -25.56 13.75 -2.45
C VAL A 58 -24.82 14.90 -3.07
N THR A 59 -25.52 16.03 -3.22
CA THR A 59 -25.01 17.20 -3.91
C THR A 59 -25.13 18.39 -2.97
N ALA A 60 -24.14 19.26 -2.92
CA ALA A 60 -24.32 20.57 -2.29
C ALA A 60 -23.24 21.53 -2.78
N ASP A 61 -23.55 22.82 -2.76
CA ASP A 61 -22.56 23.82 -3.04
C ASP A 61 -22.09 24.33 -1.68
N LEU A 62 -20.88 23.90 -1.29
CA LEU A 62 -20.28 24.22 0.00
C LEU A 62 -19.86 25.70 0.10
N LYS A 63 -19.85 26.40 -1.02
CA LYS A 63 -19.57 27.82 -1.03
C LYS A 63 -20.82 28.60 -0.61
N SER A 64 -22.00 27.98 -0.66
CA SER A 64 -23.26 28.65 -0.37
C SER A 64 -23.74 28.40 1.07
N ASP A 65 -24.34 29.43 1.68
CA ASP A 65 -24.88 29.33 3.03
C ASP A 65 -25.70 28.05 3.20
N GLN A 66 -26.49 27.69 2.19
CA GLN A 66 -27.40 26.57 2.37
C GLN A 66 -26.67 25.21 2.32
N GLY A 67 -25.69 25.08 1.44
CA GLY A 67 -24.93 23.83 1.32
C GLY A 67 -23.95 23.62 2.49
N LEU A 68 -23.29 24.70 2.89
CA LEU A 68 -22.48 24.65 4.09
C LEU A 68 -23.32 24.14 5.26
N GLU A 69 -24.53 24.68 5.41
CA GLU A 69 -25.31 24.35 6.60
C GLU A 69 -25.78 22.89 6.51
N LEU A 70 -26.08 22.42 5.29
CA LEU A 70 -26.56 21.05 5.08
C LEU A 70 -25.41 20.05 5.32
N ALA A 71 -24.22 20.44 4.84
CA ALA A 71 -23.00 19.66 5.01
C ALA A 71 -22.71 19.54 6.51
N LEU A 72 -22.68 20.69 7.19
CA LEU A 72 -22.47 20.74 8.64
C LEU A 72 -23.49 19.85 9.36
N LYS A 73 -24.72 19.75 8.87
CA LYS A 73 -25.70 18.93 9.58
C LYS A 73 -25.38 17.45 9.40
N LEU A 74 -24.84 17.11 8.24
CA LEU A 74 -24.43 15.73 7.98
C LEU A 74 -23.25 15.36 8.87
N ILE A 75 -22.27 16.25 8.89
CA ILE A 75 -21.04 15.98 9.59
C ILE A 75 -21.35 15.78 11.08
N ALA A 76 -22.21 16.67 11.60
CA ALA A 76 -22.81 16.59 12.92
C ALA A 76 -23.23 15.16 13.30
N LYS A 77 -23.67 14.38 12.33
CA LYS A 77 -24.14 13.03 12.58
C LYS A 77 -23.13 11.96 12.21
N ALA A 78 -21.95 12.34 11.73
CA ALA A 78 -21.03 11.33 11.21
C ALA A 78 -19.96 10.98 12.24
N ASP A 79 -19.34 9.80 12.06
CA ASP A 79 -18.14 9.39 12.77
C ASP A 79 -16.86 9.94 12.12
N VAL A 80 -16.87 9.97 10.79
CA VAL A 80 -15.67 10.17 9.99
C VAL A 80 -15.99 11.17 8.87
N LEU A 81 -15.14 12.17 8.76
CA LEU A 81 -15.07 13.01 7.61
C LEU A 81 -13.75 12.74 6.87
N ILE A 82 -13.83 12.56 5.55
CA ILE A 82 -12.70 12.54 4.63
C ILE A 82 -12.70 13.80 3.76
N GLU A 83 -11.54 14.46 3.71
CA GLU A 83 -11.32 15.54 2.78
C GLU A 83 -9.92 15.39 2.18
N GLY A 84 -9.81 15.71 0.88
CA GLY A 84 -8.59 15.63 0.11
C GLY A 84 -8.17 16.93 -0.57
N TYR A 85 -8.56 18.09 -0.05
CA TYR A 85 -8.18 19.33 -0.71
C TYR A 85 -6.85 19.84 -0.16
N ARG A 86 -6.38 20.92 -0.79
CA ARG A 86 -5.20 21.64 -0.33
C ARG A 86 -5.50 22.03 1.10
N PRO A 87 -4.48 22.02 2.00
CA PRO A 87 -4.69 22.43 3.39
C PRO A 87 -5.13 23.90 3.32
N GLY A 88 -6.10 24.30 4.17
CA GLY A 88 -6.63 25.66 4.08
C GLY A 88 -7.95 25.73 3.34
N VAL A 89 -8.35 24.65 2.62
CA VAL A 89 -9.52 24.77 1.75
C VAL A 89 -10.80 24.59 2.59
N THR A 90 -10.95 23.46 3.30
CA THR A 90 -12.08 23.34 4.21
C THR A 90 -12.14 24.53 5.18
N GLU A 91 -11.01 24.95 5.70
CA GLU A 91 -10.91 26.06 6.63
C GLU A 91 -11.72 27.25 6.10
N ARG A 92 -11.40 27.70 4.88
CA ARG A 92 -11.98 28.93 4.31
C ARG A 92 -13.42 28.69 3.87
N LEU A 93 -13.77 27.42 3.66
CA LEU A 93 -15.12 27.02 3.32
C LEU A 93 -16.04 27.05 4.56
N GLY A 94 -15.48 27.08 5.77
CA GLY A 94 -16.31 26.98 6.94
C GLY A 94 -16.37 25.56 7.48
N LEU A 95 -15.59 24.63 6.88
CA LEU A 95 -15.66 23.20 7.24
C LEU A 95 -14.37 22.71 7.88
N GLY A 96 -13.58 23.65 8.38
CA GLY A 96 -12.29 23.30 8.97
C GLY A 96 -12.52 22.46 10.21
N PRO A 97 -11.47 21.81 10.77
CA PRO A 97 -11.61 20.95 11.96
C PRO A 97 -12.23 21.61 13.19
N GLU A 98 -11.92 22.88 13.41
CA GLU A 98 -12.43 23.64 14.53
C GLU A 98 -13.92 23.96 14.38
N GLU A 99 -14.35 24.34 13.17
CA GLU A 99 -15.78 24.43 12.91
C GLU A 99 -16.47 23.07 13.13
N CYS A 100 -15.96 21.98 12.54
CA CYS A 100 -16.66 20.69 12.74
C CYS A 100 -16.71 20.29 14.20
N ALA A 101 -15.63 20.59 14.94
CA ALA A 101 -15.59 20.23 16.36
C ALA A 101 -16.73 20.93 17.13
N LYS A 102 -17.08 22.15 16.73
CA LYS A 102 -18.13 22.90 17.39
C LYS A 102 -19.43 22.13 17.33
N VAL A 103 -19.68 21.42 16.25
CA VAL A 103 -20.94 20.70 16.14
C VAL A 103 -20.72 19.21 16.42
N ASN A 104 -19.47 18.75 16.53
CA ASN A 104 -19.34 17.31 16.74
C ASN A 104 -17.89 17.04 17.12
N ASP A 105 -17.65 16.93 18.43
CA ASP A 105 -16.32 16.69 18.92
C ASP A 105 -15.91 15.21 18.92
N ARG A 106 -16.82 14.33 18.53
CA ARG A 106 -16.43 12.94 18.36
C ARG A 106 -16.00 12.64 16.90
N LEU A 107 -15.90 13.66 16.05
CA LEU A 107 -15.57 13.46 14.62
C LEU A 107 -14.09 13.10 14.45
N ILE A 108 -13.85 12.10 13.61
CA ILE A 108 -12.52 11.77 13.13
C ILE A 108 -12.25 12.53 11.83
N TYR A 109 -11.54 13.67 11.86
CA TYR A 109 -11.37 14.50 10.70
C TYR A 109 -10.10 14.13 9.93
N ALA A 110 -10.25 13.62 8.72
CA ALA A 110 -9.19 12.83 8.13
C ALA A 110 -8.72 13.49 6.85
N ARG A 111 -7.49 13.96 6.86
CA ARG A 111 -6.99 14.83 5.83
C ARG A 111 -5.98 14.04 5.00
N MET A 112 -6.35 13.83 3.73
CA MET A 112 -5.56 13.07 2.76
C MET A 112 -4.86 14.03 1.82
N THR A 113 -3.54 14.24 2.00
CA THR A 113 -2.73 15.08 1.14
C THR A 113 -1.48 14.34 0.66
N GLY A 114 -0.73 14.95 -0.25
CA GLY A 114 0.54 14.37 -0.65
C GLY A 114 1.66 14.78 0.30
N TRP A 115 1.78 16.11 0.45
CA TRP A 115 2.86 16.73 1.16
C TRP A 115 2.57 16.91 2.67
N GLY A 116 1.29 16.84 3.09
CA GLY A 116 0.88 17.00 4.47
C GLY A 116 0.35 18.41 4.76
N GLN A 117 0.01 18.69 6.01
CA GLN A 117 -0.77 19.88 6.32
C GLN A 117 0.11 21.13 6.34
N THR A 118 1.40 20.95 6.61
CA THR A 118 2.31 22.08 6.79
C THR A 118 3.61 21.80 6.04
N GLY A 119 4.37 22.86 5.83
CA GLY A 119 5.75 22.82 5.38
C GLY A 119 5.92 23.39 3.98
N PRO A 120 7.17 23.47 3.49
CA PRO A 120 7.43 24.24 2.31
C PRO A 120 6.67 23.86 1.03
N ARG A 121 6.35 22.55 0.82
CA ARG A 121 5.65 22.15 -0.40
C ARG A 121 4.13 22.01 -0.23
N SER A 122 3.59 22.26 0.98
CA SER A 122 2.23 21.88 1.33
C SER A 122 1.08 22.58 0.56
N GLN A 123 1.34 23.74 -0.06
CA GLN A 123 0.45 24.34 -1.03
C GLN A 123 0.79 24.03 -2.48
N GLN A 124 1.77 23.17 -2.81
CA GLN A 124 2.04 22.91 -4.22
C GLN A 124 1.26 21.67 -4.71
N ALA A 125 0.83 21.83 -5.97
CA ALA A 125 0.23 20.75 -6.73
C ALA A 125 1.17 19.56 -6.78
N GLY A 126 0.59 18.37 -6.95
CA GLY A 126 1.50 17.27 -7.12
C GLY A 126 0.67 16.00 -7.39
N HIS A 127 1.33 14.97 -7.86
CA HIS A 127 0.64 13.71 -8.04
C HIS A 127 1.51 12.63 -7.42
N ASP A 128 1.02 11.39 -7.46
CA ASP A 128 1.78 10.26 -6.94
C ASP A 128 3.24 10.33 -7.24
N ILE A 129 3.61 10.34 -8.53
CA ILE A 129 4.99 10.30 -8.99
C ILE A 129 5.84 11.34 -8.20
N ASN A 130 5.28 12.54 -7.94
CA ASN A 130 6.03 13.57 -7.24
C ASN A 130 6.33 13.18 -5.78
N TYR A 131 5.33 12.67 -5.04
CA TYR A 131 5.54 12.34 -3.65
C TYR A 131 6.63 11.27 -3.52
N ILE A 132 6.62 10.24 -4.37
CA ILE A 132 7.59 9.18 -4.24
C ILE A 132 8.91 9.60 -4.90
N SER A 133 8.94 10.66 -5.71
CA SER A 133 10.21 11.18 -6.18
C SER A 133 11.05 11.73 -5.02
N LEU A 134 10.38 12.27 -3.99
CA LEU A 134 11.05 13.09 -2.99
C LEU A 134 11.62 12.25 -1.84
N ASN A 135 11.23 10.98 -1.68
CA ASN A 135 11.61 10.25 -0.50
C ASN A 135 12.36 8.97 -0.84
N GLY A 136 12.92 8.92 -2.04
CA GLY A 136 13.81 7.84 -2.43
C GLY A 136 13.13 6.67 -3.13
N ILE A 137 11.79 6.56 -3.05
CA ILE A 137 11.08 5.35 -3.55
C ILE A 137 11.18 5.26 -5.07
N LEU A 138 10.88 6.36 -5.79
CA LEU A 138 10.79 6.25 -7.25
C LEU A 138 12.19 5.98 -7.88
N HIS A 139 13.30 6.50 -7.27
CA HIS A 139 14.68 6.26 -7.69
C HIS A 139 14.99 4.75 -7.67
N ALA A 140 14.38 4.09 -6.70
CA ALA A 140 14.70 2.68 -6.43
C ALA A 140 13.97 1.73 -7.35
N ILE A 141 13.05 2.24 -8.19
CA ILE A 141 12.27 1.41 -9.07
C ILE A 141 12.96 1.31 -10.43
N GLY A 142 13.16 0.08 -10.88
CA GLY A 142 13.42 -0.16 -12.27
C GLY A 142 14.84 -0.58 -12.57
N ARG A 143 15.15 -0.77 -13.85
CA ARG A 143 16.46 -1.33 -14.20
C ARG A 143 17.52 -0.25 -14.29
N GLY A 144 18.75 -0.71 -13.99
CA GLY A 144 19.92 0.14 -13.93
C GLY A 144 20.18 0.90 -15.22
N ASP A 145 19.75 0.37 -16.38
CA ASP A 145 20.01 1.03 -17.65
C ASP A 145 18.81 1.84 -18.14
N GLU A 146 17.77 2.05 -17.31
CA GLU A 146 16.57 2.78 -17.72
C GLU A 146 16.29 3.86 -16.69
N ARG A 147 15.64 4.94 -17.09
CA ARG A 147 15.32 5.92 -16.08
C ARG A 147 14.20 5.35 -15.18
N PRO A 148 14.08 5.85 -13.96
CA PRO A 148 13.05 5.37 -13.00
C PRO A 148 11.65 5.28 -13.57
N VAL A 149 10.98 4.09 -13.44
CA VAL A 149 9.66 3.98 -14.04
C VAL A 149 8.58 4.07 -12.94
N PRO A 150 7.47 4.81 -13.13
CA PRO A 150 6.45 4.92 -12.07
C PRO A 150 5.81 3.54 -11.84
N PRO A 151 5.65 3.10 -10.58
CA PRO A 151 4.93 1.83 -10.32
C PRO A 151 3.43 2.12 -10.27
N LEU A 152 2.92 2.57 -11.39
CA LEU A 152 1.62 3.22 -11.51
C LEU A 152 1.58 4.25 -10.35
N ASN A 153 0.43 4.35 -9.69
CA ASN A 153 0.17 5.15 -8.53
C ASN A 153 -0.18 4.26 -7.39
N LEU A 154 0.37 3.02 -7.40
CA LEU A 154 0.17 2.12 -6.30
C LEU A 154 0.84 2.52 -5.00
N VAL A 155 1.91 3.30 -5.03
CA VAL A 155 2.77 3.38 -3.86
C VAL A 155 2.47 4.62 -3.07
N GLY A 156 2.21 5.73 -3.77
CA GLY A 156 1.89 6.97 -3.11
C GLY A 156 0.40 7.15 -2.84
N ASP A 157 -0.41 7.12 -3.91
CA ASP A 157 -1.84 7.32 -3.75
C ASP A 157 -2.46 6.23 -2.86
N PHE A 158 -2.12 4.95 -3.07
CA PHE A 158 -2.84 3.89 -2.36
C PHE A 158 -2.06 3.22 -1.23
N GLY A 159 -0.95 2.51 -1.54
CA GLY A 159 -0.14 1.84 -0.51
C GLY A 159 0.29 2.79 0.61
N GLY A 160 0.68 4.01 0.25
CA GLY A 160 1.16 4.91 1.26
C GLY A 160 0.28 6.11 1.44
N GLY A 161 -0.95 6.00 0.91
CA GLY A 161 -1.83 7.16 0.80
C GLY A 161 -3.14 6.84 1.49
N SER A 162 -4.09 6.32 0.69
CA SER A 162 -5.35 5.87 1.24
C SER A 162 -5.17 4.82 2.34
N MET A 163 -4.21 3.91 2.20
CA MET A 163 -4.21 2.86 3.20
C MET A 163 -3.76 3.41 4.57
N PHE A 164 -2.91 4.45 4.61
CA PHE A 164 -2.58 5.10 5.86
C PHE A 164 -3.74 5.95 6.37
N LEU A 165 -4.53 6.58 5.49
CA LEU A 165 -5.69 7.35 5.95
C LEU A 165 -6.61 6.39 6.71
N LEU A 166 -6.77 5.19 6.16
CA LEU A 166 -7.63 4.18 6.73
C LEU A 166 -7.17 3.78 8.11
N VAL A 167 -5.90 3.43 8.20
CA VAL A 167 -5.29 3.03 9.46
C VAL A 167 -5.51 4.13 10.45
N GLY A 168 -5.28 5.41 10.02
CA GLY A 168 -5.46 6.52 10.92
C GLY A 168 -6.87 6.65 11.43
N ILE A 169 -7.86 6.57 10.51
CA ILE A 169 -9.26 6.61 10.85
C ILE A 169 -9.58 5.54 11.88
N LEU A 170 -9.30 4.27 11.52
CA LEU A 170 -9.69 3.21 12.45
C LEU A 170 -8.92 3.27 13.80
N ALA A 171 -7.63 3.55 13.77
CA ALA A 171 -6.90 3.80 15.00
C ALA A 171 -7.58 4.89 15.85
N ALA A 172 -8.07 5.97 15.19
CA ALA A 172 -8.59 7.08 15.97
C ALA A 172 -9.92 6.74 16.63
N LEU A 173 -10.67 5.88 15.92
CA LEU A 173 -11.92 5.35 16.43
C LEU A 173 -11.66 4.52 17.68
N TRP A 174 -10.56 3.76 17.66
CA TRP A 174 -10.20 3.04 18.86
C TRP A 174 -9.86 4.03 19.99
N GLU A 175 -8.92 4.98 19.76
CA GLU A 175 -8.63 5.98 20.78
C GLU A 175 -9.90 6.69 21.30
N ARG A 176 -10.89 6.91 20.44
CA ARG A 176 -12.12 7.60 20.84
C ARG A 176 -12.97 6.79 21.81
N GLN A 177 -12.85 5.48 21.77
CA GLN A 177 -13.60 4.66 22.71
C GLN A 177 -13.27 5.02 24.16
N SER A 178 -12.02 5.41 24.54
CA SER A 178 -11.78 5.83 25.91
C SER A 178 -11.72 7.35 26.09
N SER A 179 -11.31 8.13 25.12
CA SER A 179 -11.29 9.56 25.34
C SER A 179 -12.68 10.17 25.20
N GLY A 180 -13.58 9.47 24.48
CA GLY A 180 -14.83 10.03 23.99
C GLY A 180 -14.71 11.20 22.99
N LYS A 181 -13.49 11.47 22.45
CA LYS A 181 -13.31 12.50 21.46
C LYS A 181 -12.61 11.94 20.23
N GLY A 182 -12.93 12.56 19.11
CA GLY A 182 -12.12 12.39 17.93
C GLY A 182 -10.94 13.36 17.90
N GLN A 183 -10.38 13.48 16.69
CA GLN A 183 -9.20 14.30 16.46
C GLN A 183 -8.94 14.32 14.94
N VAL A 184 -7.88 15.01 14.52
CA VAL A 184 -7.54 15.13 13.10
C VAL A 184 -6.42 14.17 12.72
N VAL A 185 -6.57 13.55 11.56
CA VAL A 185 -5.55 12.66 11.07
C VAL A 185 -4.90 13.32 9.87
N ASP A 186 -3.61 13.44 9.91
CA ASP A 186 -2.88 14.10 8.86
C ASP A 186 -2.09 13.02 8.12
N ALA A 187 -2.70 12.60 7.01
CA ALA A 187 -2.18 11.51 6.23
C ALA A 187 -1.58 12.11 4.95
N ALA A 188 -0.28 12.14 4.95
CA ALA A 188 0.50 12.61 3.84
C ALA A 188 1.17 11.42 3.14
N MET A 189 0.94 11.30 1.82
CA MET A 189 1.54 10.25 0.98
C MET A 189 3.06 10.23 1.12
N VAL A 190 3.68 11.40 1.31
CA VAL A 190 5.12 11.35 1.45
C VAL A 190 5.62 10.66 2.73
N ASP A 191 4.82 10.70 3.83
CA ASP A 191 5.09 10.06 5.10
C ASP A 191 4.65 8.59 4.99
N GLY A 192 3.41 8.31 4.50
CA GLY A 192 2.90 6.94 4.44
C GLY A 192 3.73 6.05 3.54
N SER A 193 4.08 6.53 2.33
CA SER A 193 4.97 5.77 1.46
C SER A 193 6.32 5.48 2.13
N SER A 194 6.88 6.42 2.91
CA SER A 194 8.15 6.17 3.61
C SER A 194 8.02 5.00 4.58
N VAL A 195 6.95 4.98 5.39
CA VAL A 195 6.75 3.84 6.25
C VAL A 195 6.49 2.55 5.49
N LEU A 196 5.80 2.64 4.39
CA LEU A 196 5.53 1.55 3.47
C LEU A 196 6.85 0.92 3.03
N ILE A 197 7.87 1.77 2.85
CA ILE A 197 9.18 1.26 2.39
C ILE A 197 10.19 1.10 3.53
N GLN A 198 9.68 0.99 4.77
CA GLN A 198 10.57 1.03 5.91
C GLN A 198 11.57 -0.13 5.91
N MET A 199 11.15 -1.30 5.41
CA MET A 199 12.06 -2.41 5.35
C MET A 199 13.29 -2.03 4.53
N MET A 200 13.15 -1.20 3.48
CA MET A 200 14.37 -0.88 2.74
C MET A 200 15.25 0.07 3.58
N TRP A 201 14.62 0.94 4.35
CA TRP A 201 15.42 1.90 5.09
C TRP A 201 16.19 1.14 6.21
N ALA A 202 15.55 0.09 6.72
CA ALA A 202 16.18 -0.85 7.66
C ALA A 202 17.38 -1.53 7.04
N MET A 203 17.15 -2.09 5.85
CA MET A 203 18.17 -2.81 5.12
C MET A 203 19.34 -1.95 4.66
N ARG A 204 19.11 -0.65 4.43
CA ARG A 204 20.23 0.19 4.08
C ARG A 204 21.27 0.20 5.19
N ALA A 205 20.83 0.31 6.44
CA ALA A 205 21.73 0.39 7.60
C ALA A 205 22.47 -0.92 7.84
N THR A 206 22.02 -2.08 7.32
CA THR A 206 22.73 -3.33 7.55
C THR A 206 23.43 -3.88 6.28
N GLY A 207 23.63 -3.08 5.28
CA GLY A 207 24.23 -3.55 4.00
C GLY A 207 23.35 -4.48 3.14
N MET A 208 22.10 -4.65 3.53
CA MET A 208 21.19 -5.50 2.81
C MET A 208 20.46 -4.71 1.70
N TRP A 209 20.69 -3.39 1.55
CA TRP A 209 20.15 -2.67 0.43
C TRP A 209 21.10 -1.56 0.00
N THR A 210 21.27 -1.35 -1.33
CA THR A 210 22.05 -0.24 -1.84
C THR A 210 21.16 0.75 -2.55
N ASP A 211 21.67 2.00 -2.57
CA ASP A 211 21.09 3.06 -3.37
C ASP A 211 21.36 2.88 -4.86
N THR A 212 22.20 1.90 -5.27
CA THR A 212 22.47 1.67 -6.69
C THR A 212 21.22 1.01 -7.35
N ARG A 213 20.75 1.58 -8.45
CA ARG A 213 19.52 1.13 -9.04
C ARG A 213 19.76 -0.21 -9.68
N GLY A 214 18.76 -1.01 -9.58
CA GLY A 214 18.73 -2.25 -10.35
C GLY A 214 19.73 -3.29 -9.90
N ALA A 215 20.18 -3.23 -8.65
CA ALA A 215 21.27 -4.06 -8.15
C ALA A 215 21.02 -4.63 -6.74
N ASN A 216 19.75 -4.87 -6.40
CA ASN A 216 19.38 -5.35 -5.07
C ASN A 216 18.62 -6.67 -5.18
N MET A 217 18.20 -7.21 -4.04
CA MET A 217 17.54 -8.53 -4.01
C MET A 217 16.12 -8.43 -4.61
N LEU A 218 15.47 -7.23 -4.53
CA LEU A 218 14.04 -7.15 -4.78
C LEU A 218 13.66 -6.19 -5.90
N ASP A 219 14.65 -5.67 -6.65
CA ASP A 219 14.39 -4.60 -7.60
C ASP A 219 14.70 -5.15 -8.97
N GLY A 220 14.96 -6.47 -9.04
CA GLY A 220 15.30 -7.08 -10.31
C GLY A 220 16.81 -7.27 -10.50
N GLY A 221 17.64 -6.91 -9.50
CA GLY A 221 19.07 -7.17 -9.52
C GLY A 221 19.41 -8.66 -9.39
N ALA A 222 18.54 -9.48 -8.85
CA ALA A 222 18.86 -10.88 -8.60
C ALA A 222 18.20 -11.80 -9.60
N PRO A 223 18.92 -12.78 -10.20
CA PRO A 223 18.34 -13.58 -11.27
C PRO A 223 17.21 -14.50 -10.78
N TYR A 224 17.03 -14.57 -9.47
CA TYR A 224 16.03 -15.47 -8.92
C TYR A 224 14.91 -14.65 -8.38
N TYR A 225 14.91 -13.34 -8.67
CA TYR A 225 13.80 -12.54 -8.25
C TYR A 225 13.57 -11.53 -9.33
N ASP A 226 12.85 -11.99 -10.37
CA ASP A 226 12.68 -11.20 -11.59
C ASP A 226 11.71 -11.90 -12.52
N THR A 227 11.33 -11.21 -13.58
CA THR A 227 10.58 -11.81 -14.68
C THR A 227 11.54 -12.22 -15.80
N TYR A 228 11.11 -13.23 -16.56
CA TYR A 228 11.78 -13.73 -17.75
C TYR A 228 10.78 -13.87 -18.89
N GLU A 229 11.28 -13.59 -20.10
CA GLU A 229 10.52 -13.73 -21.34
C GLU A 229 10.60 -15.19 -21.80
N CYS A 230 9.47 -15.67 -22.23
CA CYS A 230 9.32 -17.05 -22.70
C CYS A 230 9.20 -17.04 -24.24
N ALA A 231 9.05 -18.26 -24.78
CA ALA A 231 9.12 -18.51 -26.21
C ALA A 231 8.08 -17.70 -26.96
N ASP A 232 6.92 -17.41 -26.30
CA ASP A 232 5.78 -16.76 -26.92
C ASP A 232 5.84 -15.26 -26.69
N GLY A 233 6.89 -14.70 -26.12
CA GLY A 233 6.94 -13.25 -25.81
C GLY A 233 6.16 -12.89 -24.55
N ARG A 234 5.65 -13.89 -23.83
CA ARG A 234 4.95 -13.60 -22.56
C ARG A 234 5.96 -13.82 -21.43
N TYR A 235 5.55 -13.57 -20.17
CA TYR A 235 6.47 -13.66 -19.05
C TYR A 235 6.04 -14.66 -17.97
N VAL A 236 7.06 -15.17 -17.30
CA VAL A 236 6.99 -15.60 -15.90
C VAL A 236 7.81 -14.73 -14.93
N ALA A 237 7.34 -14.81 -13.65
CA ALA A 237 7.92 -14.27 -12.44
C ALA A 237 8.56 -15.37 -11.60
N VAL A 238 9.82 -15.16 -11.22
CA VAL A 238 10.59 -16.08 -10.40
C VAL A 238 10.85 -15.34 -9.09
N GLY A 239 10.44 -15.92 -7.97
CA GLY A 239 10.64 -15.42 -6.63
C GLY A 239 11.38 -16.41 -5.70
N ALA A 240 12.39 -17.07 -6.23
CA ALA A 240 12.86 -18.25 -5.53
C ALA A 240 14.05 -17.92 -4.63
N ILE A 241 13.79 -17.30 -3.44
CA ILE A 241 14.85 -16.74 -2.62
C ILE A 241 15.49 -17.82 -1.77
N ALA A 242 14.67 -18.54 -1.06
CA ALA A 242 15.20 -19.61 -0.21
C ALA A 242 15.91 -20.64 -1.09
N PRO A 243 17.06 -21.17 -0.66
CA PRO A 243 17.72 -22.30 -1.33
C PRO A 243 16.81 -23.43 -1.79
N GLN A 244 15.83 -23.80 -0.99
CA GLN A 244 15.03 -24.96 -1.39
C GLN A 244 14.08 -24.55 -2.52
N PHE A 245 13.73 -23.24 -2.58
CA PHE A 245 12.81 -22.72 -3.59
C PHE A 245 13.60 -22.70 -4.90
N TYR A 246 14.81 -22.16 -4.84
CA TYR A 246 15.73 -22.09 -5.95
C TYR A 246 15.95 -23.49 -6.52
N ALA A 247 16.29 -24.42 -5.66
CA ALA A 247 16.45 -25.83 -6.08
C ALA A 247 15.23 -26.30 -6.87
N ALA A 248 14.00 -26.17 -6.33
CA ALA A 248 12.80 -26.60 -7.05
C ALA A 248 12.68 -25.96 -8.42
N MET A 249 12.95 -24.63 -8.51
CA MET A 249 12.96 -23.94 -9.75
C MET A 249 13.96 -24.57 -10.73
N LEU A 250 15.21 -24.88 -10.33
CA LEU A 250 16.18 -25.40 -11.27
C LEU A 250 15.63 -26.79 -11.69
N ALA A 251 14.95 -27.48 -10.78
CA ALA A 251 14.57 -28.84 -11.21
C ALA A 251 13.50 -28.76 -12.32
N GLY A 252 12.53 -27.85 -12.15
CA GLY A 252 11.44 -27.70 -13.12
C GLY A 252 11.98 -27.29 -14.49
N LEU A 253 13.06 -26.53 -14.49
CA LEU A 253 13.75 -26.16 -15.72
C LEU A 253 14.60 -27.29 -16.26
N GLY A 254 14.76 -28.36 -15.49
CA GLY A 254 15.60 -29.43 -15.97
C GLY A 254 17.08 -29.07 -15.95
N LEU A 255 17.48 -28.09 -15.14
CA LEU A 255 18.86 -27.66 -15.05
C LEU A 255 19.54 -28.41 -13.92
N ASP A 256 20.78 -28.82 -14.21
CA ASP A 256 21.60 -29.46 -13.18
C ASP A 256 22.33 -28.38 -12.36
N ALA A 257 22.03 -28.25 -11.04
CA ALA A 257 22.68 -27.30 -10.12
C ALA A 257 24.19 -27.27 -10.29
N ALA A 258 24.83 -28.42 -10.55
CA ALA A 258 26.28 -28.52 -10.62
C ALA A 258 26.81 -27.81 -11.84
N GLU A 259 25.96 -27.58 -12.86
CA GLU A 259 26.43 -26.92 -14.08
C GLU A 259 26.29 -25.40 -13.94
N LEU A 260 25.67 -24.94 -12.84
CA LEU A 260 25.33 -23.53 -12.74
C LEU A 260 26.28 -22.89 -11.74
N PRO A 261 26.46 -21.55 -11.76
CA PRO A 261 27.13 -20.89 -10.65
C PRO A 261 26.30 -21.03 -9.38
N PRO A 262 26.94 -20.93 -8.20
CA PRO A 262 26.17 -20.86 -6.96
C PRO A 262 25.11 -19.77 -7.02
N GLN A 263 24.01 -19.99 -6.28
CA GLN A 263 22.86 -19.13 -6.33
C GLN A 263 23.27 -17.69 -6.01
N ASN A 264 24.13 -17.51 -4.98
CA ASN A 264 24.42 -16.17 -4.50
C ASN A 264 25.89 -15.83 -4.71
N ASP A 265 26.49 -16.33 -5.78
CA ASP A 265 27.72 -15.79 -6.23
C ASP A 265 27.40 -14.61 -7.13
N ARG A 266 27.38 -13.39 -6.56
CA ARG A 266 26.95 -12.25 -7.34
C ARG A 266 27.83 -12.03 -8.54
N ALA A 267 29.11 -12.39 -8.46
CA ALA A 267 30.02 -12.11 -9.55
C ALA A 267 29.61 -12.86 -10.79
N ARG A 268 29.05 -14.08 -10.67
CA ARG A 268 28.58 -14.87 -11.80
C ARG A 268 27.04 -14.69 -12.01
N TRP A 269 26.37 -13.68 -11.44
CA TRP A 269 24.94 -13.47 -11.68
C TRP A 269 24.64 -13.19 -13.16
N PRO A 270 25.55 -12.57 -13.96
CA PRO A 270 25.28 -12.44 -15.41
C PRO A 270 25.18 -13.80 -16.08
N GLU A 271 26.12 -14.65 -15.75
CA GLU A 271 26.05 -16.03 -16.21
C GLU A 271 24.77 -16.74 -15.77
N LEU A 272 24.40 -16.61 -14.48
CA LEU A 272 23.27 -17.36 -13.98
C LEU A 272 22.02 -16.87 -14.71
N ARG A 273 21.90 -15.53 -14.88
CA ARG A 273 20.78 -14.99 -15.57
C ARG A 273 20.70 -15.48 -17.01
N ALA A 274 21.85 -15.54 -17.72
CA ALA A 274 21.81 -15.94 -19.10
C ALA A 274 21.31 -17.39 -19.19
N LEU A 275 21.76 -18.21 -18.28
CA LEU A 275 21.33 -19.61 -18.35
C LEU A 275 19.84 -19.70 -18.03
N LEU A 276 19.37 -18.94 -17.03
CA LEU A 276 17.94 -18.94 -16.74
C LEU A 276 17.16 -18.42 -17.95
N THR A 277 17.64 -17.31 -18.58
CA THR A 277 17.04 -16.68 -19.76
C THR A 277 16.79 -17.71 -20.88
N GLU A 278 17.82 -18.51 -21.15
CA GLU A 278 17.81 -19.49 -22.22
C GLU A 278 16.83 -20.59 -21.90
N ALA A 279 16.82 -21.02 -20.65
CA ALA A 279 15.88 -22.04 -20.20
C ALA A 279 14.44 -21.59 -20.42
N PHE A 280 14.10 -20.42 -19.89
CA PHE A 280 12.72 -19.98 -19.93
C PHE A 280 12.28 -19.67 -21.35
N ALA A 281 13.22 -19.23 -22.18
CA ALA A 281 12.96 -18.86 -23.57
C ALA A 281 12.67 -20.10 -24.42
N SER A 282 13.06 -21.27 -23.95
CA SER A 282 12.87 -22.50 -24.73
C SER A 282 11.41 -22.91 -24.82
N HIS A 283 10.54 -22.45 -23.89
CA HIS A 283 9.11 -22.79 -23.95
C HIS A 283 8.22 -21.60 -23.57
N ASP A 284 6.89 -21.74 -23.85
CA ASP A 284 5.93 -20.65 -23.75
C ASP A 284 5.53 -20.54 -22.28
N ARG A 285 5.09 -19.34 -21.91
CA ARG A 285 4.66 -19.10 -20.55
C ARG A 285 3.78 -20.21 -19.97
N ASP A 286 2.71 -20.60 -20.66
CA ASP A 286 1.75 -21.56 -20.08
C ASP A 286 2.36 -22.93 -19.92
N HIS A 287 3.39 -23.25 -20.69
CA HIS A 287 4.20 -24.44 -20.43
C HIS A 287 4.79 -24.37 -19.00
N TRP A 288 5.42 -23.23 -18.63
CA TRP A 288 6.07 -23.09 -17.32
C TRP A 288 4.99 -22.97 -16.25
N GLY A 289 3.90 -22.31 -16.60
CA GLY A 289 2.81 -22.21 -15.63
C GLY A 289 2.36 -23.62 -15.24
N ALA A 290 2.42 -24.57 -16.17
CA ALA A 290 2.03 -25.95 -15.83
C ALA A 290 3.13 -26.68 -15.05
N VAL A 291 4.40 -26.64 -15.51
CA VAL A 291 5.50 -27.24 -14.78
C VAL A 291 5.45 -26.83 -13.34
N PHE A 292 5.23 -25.52 -13.10
CA PHE A 292 5.40 -24.91 -11.80
C PHE A 292 4.12 -24.73 -10.99
N ALA A 293 3.01 -25.31 -11.46
CA ALA A 293 1.73 -25.14 -10.82
C ALA A 293 1.69 -25.56 -9.36
N ASN A 294 2.46 -26.58 -8.90
CA ASN A 294 2.29 -27.06 -7.53
C ASN A 294 3.49 -26.91 -6.61
N SER A 295 4.70 -26.84 -7.16
CA SER A 295 5.89 -26.92 -6.32
C SER A 295 6.19 -25.61 -5.59
N ASP A 296 7.26 -25.68 -4.79
CA ASP A 296 7.72 -24.51 -4.08
C ASP A 296 8.76 -23.71 -4.88
N ALA A 297 8.77 -23.86 -6.22
CA ALA A 297 9.76 -23.23 -7.05
C ALA A 297 9.55 -21.69 -7.08
N CYS A 298 8.41 -21.19 -6.62
CA CYS A 298 8.08 -19.78 -6.73
C CYS A 298 8.18 -19.27 -8.16
N VAL A 299 7.61 -20.02 -9.11
CA VAL A 299 7.57 -19.55 -10.51
C VAL A 299 6.11 -19.43 -10.90
N THR A 300 5.59 -18.24 -11.28
CA THR A 300 4.19 -18.04 -11.65
C THR A 300 4.11 -17.40 -13.03
N PRO A 301 3.04 -17.66 -13.84
CA PRO A 301 2.87 -16.94 -15.09
C PRO A 301 2.51 -15.49 -14.75
N VAL A 302 3.04 -14.55 -15.50
CA VAL A 302 2.60 -13.14 -15.42
C VAL A 302 1.37 -12.99 -16.32
N LEU A 303 0.19 -12.88 -15.64
CA LEU A 303 -1.05 -12.74 -16.39
C LEU A 303 -1.35 -11.24 -16.60
N ALA A 304 -1.90 -10.90 -17.75
CA ALA A 304 -2.53 -9.60 -17.97
C ALA A 304 -3.93 -9.63 -17.34
N PHE A 305 -4.41 -8.44 -17.00
CA PHE A 305 -5.65 -8.22 -16.28
C PHE A 305 -6.75 -9.06 -16.96
N GLY A 306 -6.80 -9.09 -18.31
CA GLY A 306 -7.92 -9.66 -19.05
C GLY A 306 -7.87 -11.20 -18.95
N GLU A 307 -6.80 -11.75 -18.38
CA GLU A 307 -6.63 -13.21 -18.24
C GLU A 307 -6.90 -13.66 -16.81
N VAL A 308 -6.88 -12.70 -15.90
CA VAL A 308 -6.86 -13.01 -14.48
C VAL A 308 -8.05 -13.89 -14.10
N HIS A 309 -9.22 -13.57 -14.64
CA HIS A 309 -10.46 -14.12 -14.08
C HIS A 309 -10.52 -15.62 -14.39
N ASN A 310 -9.70 -16.10 -15.37
CA ASN A 310 -9.62 -17.52 -15.68
C ASN A 310 -8.59 -18.36 -14.91
N GLU A 311 -7.86 -17.77 -13.96
CA GLU A 311 -6.82 -18.50 -13.25
C GLU A 311 -7.42 -19.30 -12.11
N PRO A 312 -7.20 -20.65 -12.02
CA PRO A 312 -7.97 -21.41 -11.03
C PRO A 312 -8.01 -20.85 -9.61
N HIS A 313 -6.84 -20.41 -9.09
CA HIS A 313 -6.78 -19.92 -7.72
C HIS A 313 -7.63 -18.66 -7.56
N ILE A 314 -7.71 -17.85 -8.62
CA ILE A 314 -8.49 -16.60 -8.56
C ILE A 314 -10.00 -16.93 -8.57
N ILE A 315 -10.35 -17.96 -9.36
CA ILE A 315 -11.76 -18.38 -9.48
C ILE A 315 -12.24 -18.95 -8.13
N GLU A 316 -11.47 -19.91 -7.61
CA GLU A 316 -11.90 -20.62 -6.43
C GLU A 316 -12.11 -19.72 -5.22
N ARG A 317 -11.38 -18.62 -5.07
CA ARG A 317 -11.53 -17.79 -3.92
C ARG A 317 -12.39 -16.56 -4.20
N ASN A 318 -12.95 -16.42 -5.40
CA ASN A 318 -13.84 -15.28 -5.63
C ASN A 318 -13.10 -13.97 -5.34
N THR A 319 -11.88 -13.82 -5.86
CA THR A 319 -11.16 -12.58 -5.61
C THR A 319 -11.82 -11.40 -6.36
N PHE A 320 -12.56 -11.68 -7.45
CA PHE A 320 -13.19 -10.65 -8.30
C PHE A 320 -14.66 -11.01 -8.47
N TYR A 321 -15.44 -10.01 -8.86
CA TYR A 321 -16.86 -10.13 -9.18
C TYR A 321 -17.06 -9.35 -10.50
N GLU A 322 -18.11 -9.72 -11.27
CA GLU A 322 -18.53 -9.07 -12.51
C GLU A 322 -19.20 -7.70 -12.30
N ALA A 323 -18.96 -6.77 -13.20
CA ALA A 323 -19.57 -5.44 -13.08
C ALA A 323 -19.26 -4.61 -14.32
N ASN A 324 -20.31 -3.99 -14.88
CA ASN A 324 -20.17 -3.00 -15.94
C ASN A 324 -19.38 -3.59 -17.11
N GLY A 325 -19.58 -4.89 -17.39
CA GLY A 325 -18.86 -5.54 -18.47
C GLY A 325 -17.39 -5.83 -18.16
N GLY A 326 -16.96 -5.60 -16.90
CA GLY A 326 -15.62 -5.97 -16.48
C GLY A 326 -15.61 -6.64 -15.10
N TRP A 327 -14.42 -6.90 -14.59
CA TRP A 327 -14.31 -7.38 -13.24
C TRP A 327 -13.85 -6.29 -12.34
N GLN A 328 -14.23 -6.43 -11.07
CA GLN A 328 -13.77 -5.61 -9.99
C GLN A 328 -13.37 -6.53 -8.83
N PRO A 329 -12.37 -6.11 -8.02
CA PRO A 329 -11.95 -6.90 -6.86
C PRO A 329 -13.04 -6.93 -5.76
N MET A 330 -13.36 -8.12 -5.22
CA MET A 330 -14.17 -8.18 -4.01
C MET A 330 -13.47 -7.48 -2.86
N PRO A 331 -14.22 -7.19 -1.78
CA PRO A 331 -13.63 -6.69 -0.54
C PRO A 331 -12.49 -7.48 0.06
N ALA A 332 -11.57 -6.68 0.56
CA ALA A 332 -10.44 -7.26 1.30
C ALA A 332 -10.16 -6.42 2.53
N PRO A 333 -9.56 -7.01 3.60
CA PRO A 333 -9.44 -8.45 3.81
C PRO A 333 -10.78 -9.10 4.16
N ARG A 334 -10.77 -10.38 4.50
CA ARG A 334 -11.96 -11.18 4.80
C ARG A 334 -12.13 -11.42 6.31
N PHE A 335 -13.40 -11.40 6.77
CA PHE A 335 -13.74 -11.57 8.18
C PHE A 335 -14.63 -12.79 8.36
N SER A 336 -14.17 -13.77 9.15
CA SER A 336 -14.82 -15.06 9.36
C SER A 336 -16.24 -14.88 9.97
N ARG A 337 -16.57 -13.80 10.73
CA ARG A 337 -17.90 -13.72 11.31
C ARG A 337 -18.77 -12.61 10.70
N THR A 338 -18.32 -11.37 10.61
CA THR A 338 -19.07 -10.35 9.91
C THR A 338 -18.44 -10.10 8.53
N ALA A 339 -18.70 -11.02 7.63
CA ALA A 339 -18.29 -10.90 6.24
C ALA A 339 -18.94 -9.74 5.46
N SER A 340 -18.12 -9.20 4.53
CA SER A 340 -18.57 -8.24 3.53
C SER A 340 -19.41 -9.00 2.50
N SER A 341 -20.32 -8.29 1.86
CA SER A 341 -21.08 -8.72 0.69
C SER A 341 -20.41 -8.21 -0.59
N GLN A 342 -20.95 -8.63 -1.74
CA GLN A 342 -20.56 -8.10 -3.04
C GLN A 342 -20.83 -6.60 -3.09
N PRO A 343 -19.92 -5.77 -3.57
CA PRO A 343 -20.18 -4.31 -3.52
C PRO A 343 -21.44 -3.88 -4.28
N ARG A 344 -22.09 -2.87 -3.76
CA ARG A 344 -23.25 -2.25 -4.39
C ARG A 344 -22.74 -1.23 -5.39
N PRO A 345 -23.30 -1.24 -6.60
CA PRO A 345 -22.92 -0.23 -7.57
C PRO A 345 -23.18 1.20 -7.12
N PRO A 346 -22.51 2.16 -7.77
CA PRO A 346 -22.90 3.56 -7.60
C PRO A 346 -24.29 3.68 -8.24
N ALA A 347 -25.29 4.03 -7.42
CA ALA A 347 -26.66 4.19 -7.90
C ALA A 347 -26.90 5.68 -8.19
N ALA A 348 -28.15 6.10 -8.44
CA ALA A 348 -28.34 7.53 -8.71
C ALA A 348 -28.15 8.37 -7.43
N THR A 349 -28.02 9.70 -7.64
CA THR A 349 -28.00 10.71 -6.60
C THR A 349 -29.07 10.39 -5.57
N ILE A 350 -29.03 11.14 -4.47
CA ILE A 350 -30.11 11.16 -3.52
C ILE A 350 -30.15 12.57 -2.96
N ASP A 351 -31.35 12.94 -2.48
CA ASP A 351 -31.59 14.21 -1.83
C ASP A 351 -31.00 14.12 -0.42
N ILE A 352 -30.37 15.22 -0.02
CA ILE A 352 -29.50 15.30 1.14
C ILE A 352 -30.34 15.32 2.43
N GLU A 353 -31.50 15.98 2.38
CA GLU A 353 -32.45 15.97 3.47
C GLU A 353 -32.93 14.55 3.74
N ALA A 354 -32.93 13.70 2.71
CA ALA A 354 -33.43 12.34 2.88
C ALA A 354 -32.46 11.50 3.69
N VAL A 355 -31.15 11.83 3.57
CA VAL A 355 -30.11 11.11 4.30
C VAL A 355 -30.14 11.59 5.75
N LEU A 356 -30.19 12.91 5.95
CA LEU A 356 -30.36 13.49 7.28
C LEU A 356 -31.51 12.84 8.04
N THR A 357 -32.63 12.66 7.33
CA THR A 357 -33.81 12.05 7.92
C THR A 357 -33.46 10.65 8.40
N ASP A 358 -33.01 9.83 7.46
CA ASP A 358 -32.62 8.45 7.72
C ASP A 358 -31.68 8.34 8.90
N TRP A 359 -30.70 9.25 8.98
CA TRP A 359 -29.79 9.32 10.13
C TRP A 359 -30.62 9.86 11.32
N ASP A 360 -31.59 9.02 11.74
CA ASP A 360 -32.51 9.17 12.87
C ASP A 360 -32.43 10.58 13.47
N MET B 2 3.04 4.58 26.45
CA MET B 2 3.30 4.49 24.97
C MET B 2 2.33 5.44 24.29
N ALA B 3 2.88 6.38 23.53
CA ALA B 3 2.08 7.44 22.95
C ALA B 3 1.49 7.01 21.61
N GLY B 4 0.29 7.54 21.35
CA GLY B 4 -0.44 7.26 20.13
C GLY B 4 -1.84 6.84 20.44
N PRO B 5 -2.70 6.82 19.40
CA PRO B 5 -4.10 6.44 19.51
C PRO B 5 -4.32 4.97 19.90
N LEU B 6 -3.37 4.06 19.68
CA LEU B 6 -3.61 2.66 20.09
C LEU B 6 -2.94 2.37 21.46
N SER B 7 -2.45 3.40 22.15
CA SER B 7 -2.07 3.24 23.56
C SER B 7 -3.11 2.35 24.20
N GLY B 8 -2.67 1.24 24.76
CA GLY B 8 -3.61 0.40 25.48
C GLY B 8 -3.89 -0.90 24.76
N LEU B 9 -3.68 -0.95 23.43
CA LEU B 9 -4.03 -2.17 22.71
C LEU B 9 -2.93 -3.22 22.91
N ARG B 10 -3.31 -4.49 22.97
CA ARG B 10 -2.30 -5.50 23.26
C ARG B 10 -2.22 -6.46 22.11
N VAL B 11 -0.99 -6.66 21.57
CA VAL B 11 -0.80 -7.45 20.35
C VAL B 11 0.24 -8.53 20.60
N VAL B 12 -0.09 -9.80 20.31
CA VAL B 12 0.94 -10.81 20.24
C VAL B 12 1.28 -11.02 18.75
N GLU B 13 2.57 -11.02 18.40
CA GLU B 13 3.09 -11.29 17.05
C GLU B 13 3.90 -12.56 17.04
N LEU B 14 3.52 -13.54 16.26
CA LEU B 14 4.34 -14.75 16.18
C LEU B 14 5.37 -14.53 15.06
N ALA B 15 6.67 -14.45 15.42
CA ALA B 15 7.77 -14.12 14.51
C ALA B 15 7.68 -14.87 13.17
N GLY B 16 7.52 -14.10 12.10
CA GLY B 16 7.55 -14.61 10.73
C GLY B 16 8.20 -13.56 9.82
N ILE B 17 8.12 -13.77 8.51
CA ILE B 17 8.82 -12.82 7.64
C ILE B 17 7.86 -11.89 6.86
N GLY B 18 8.19 -10.59 6.95
CA GLY B 18 7.90 -9.63 5.91
C GLY B 18 6.61 -8.85 6.17
N PRO B 19 5.45 -9.31 5.70
CA PRO B 19 4.31 -8.45 5.81
C PRO B 19 3.99 -8.46 7.33
N GLY B 20 3.99 -9.63 7.99
CA GLY B 20 3.42 -9.64 9.36
C GLY B 20 4.12 -8.67 10.29
N PRO B 21 5.45 -8.71 10.30
CA PRO B 21 6.18 -7.80 11.17
C PRO B 21 6.01 -6.31 10.85
N HIS B 22 5.59 -6.01 9.61
CA HIS B 22 5.42 -4.62 9.17
C HIS B 22 4.15 -4.07 9.84
N ALA B 23 3.12 -4.90 9.79
CA ALA B 23 1.85 -4.63 10.45
C ALA B 23 2.02 -4.47 11.96
N ALA B 24 2.68 -5.41 12.63
CA ALA B 24 3.06 -5.27 14.04
C ALA B 24 3.82 -3.96 14.34
N MET B 25 4.77 -3.62 13.49
CA MET B 25 5.49 -2.37 13.62
C MET B 25 4.53 -1.18 13.64
N ILE B 26 3.58 -1.12 12.69
CA ILE B 26 2.83 0.12 12.60
C ILE B 26 1.93 0.21 13.84
N LEU B 27 1.45 -0.96 14.32
CA LEU B 27 0.64 -0.96 15.55
C LEU B 27 1.48 -0.36 16.70
N GLY B 28 2.74 -0.81 16.88
CA GLY B 28 3.62 -0.26 17.90
C GLY B 28 3.83 1.23 17.69
N ASP B 29 4.01 1.64 16.42
CA ASP B 29 4.29 3.02 16.07
C ASP B 29 3.21 3.94 16.60
N LEU B 30 2.00 3.41 16.65
CA LEU B 30 0.81 4.17 17.00
C LEU B 30 0.41 3.96 18.48
N GLY B 31 1.28 3.28 19.24
CA GLY B 31 1.15 3.26 20.69
C GLY B 31 0.81 1.87 21.19
N ALA B 32 0.49 0.92 20.32
CA ALA B 32 0.21 -0.42 20.84
C ALA B 32 1.40 -1.04 21.55
N ASP B 33 1.01 -1.96 22.44
CA ASP B 33 1.90 -2.82 23.23
C ASP B 33 2.04 -4.14 22.50
N VAL B 34 3.16 -4.28 21.77
CA VAL B 34 3.39 -5.42 20.94
C VAL B 34 4.44 -6.32 21.57
N VAL B 35 4.17 -7.62 21.54
CA VAL B 35 5.02 -8.58 22.18
C VAL B 35 5.20 -9.67 21.15
N ARG B 36 6.42 -9.79 20.66
CA ARG B 36 6.76 -10.64 19.57
C ARG B 36 7.41 -11.89 20.18
N ILE B 37 6.86 -13.04 19.86
CA ILE B 37 7.42 -14.33 20.24
C ILE B 37 8.28 -14.86 19.12
N ASP B 38 9.57 -15.07 19.42
CA ASP B 38 10.51 -15.68 18.50
C ASP B 38 10.99 -17.05 18.98
N ARG B 39 11.78 -17.72 18.12
CA ARG B 39 12.42 -18.99 18.42
C ARG B 39 13.55 -18.74 19.42
N PRO B 40 13.82 -19.71 20.34
CA PRO B 40 14.94 -19.59 21.29
C PRO B 40 16.17 -18.76 20.96
N ILE B 46 20.43 -8.38 20.76
CA ILE B 46 19.66 -7.17 20.31
C ILE B 46 19.59 -7.19 18.78
N SER B 47 18.36 -7.17 18.23
CA SER B 47 18.22 -7.00 16.79
C SER B 47 18.69 -5.61 16.38
N ARG B 48 19.44 -5.60 15.25
CA ARG B 48 19.77 -4.42 14.47
C ARG B 48 18.85 -4.34 13.23
N ASP B 49 17.56 -4.75 13.38
CA ASP B 49 16.56 -4.58 12.33
C ASP B 49 15.55 -3.50 12.75
N ALA B 50 15.62 -2.32 12.13
CA ALA B 50 14.83 -1.19 12.59
C ALA B 50 13.36 -1.60 12.54
N MET B 51 13.06 -2.64 11.72
CA MET B 51 11.70 -3.02 11.50
C MET B 51 11.23 -3.51 12.85
N LEU B 52 12.15 -4.09 13.63
CA LEU B 52 11.58 -4.61 14.86
C LEU B 52 11.45 -3.53 15.92
N ARG B 53 11.38 -2.23 15.54
CA ARG B 53 11.08 -1.18 16.48
C ARG B 53 9.73 -1.40 17.18
N ASN B 54 9.59 -0.75 18.37
CA ASN B 54 8.35 -0.64 19.14
C ASN B 54 7.79 -2.02 19.45
N ARG B 55 8.65 -2.94 19.91
CA ARG B 55 8.26 -4.27 20.39
C ARG B 55 8.98 -4.64 21.70
N ARG B 56 8.50 -5.70 22.35
CA ARG B 56 9.28 -6.43 23.33
C ARG B 56 9.40 -7.80 22.69
N ILE B 57 10.56 -8.43 22.81
CA ILE B 57 10.78 -9.72 22.20
C ILE B 57 10.91 -10.74 23.30
N VAL B 58 10.24 -11.88 23.15
CA VAL B 58 10.36 -12.97 24.07
C VAL B 58 10.54 -14.19 23.23
N THR B 59 10.95 -15.31 23.84
CA THR B 59 11.23 -16.53 23.10
C THR B 59 10.44 -17.64 23.75
N ALA B 60 10.05 -18.59 22.92
CA ALA B 60 9.34 -19.78 23.35
C ALA B 60 9.48 -20.82 22.27
N ASP B 61 9.39 -22.08 22.68
CA ASP B 61 9.41 -23.15 21.71
C ASP B 61 7.96 -23.61 21.59
N LEU B 62 7.31 -23.15 20.52
CA LEU B 62 5.89 -23.40 20.36
C LEU B 62 5.58 -24.88 20.16
N LYS B 63 6.60 -25.72 20.00
CA LYS B 63 6.38 -27.15 19.88
C LYS B 63 6.56 -27.86 21.22
N SER B 64 7.02 -27.17 22.27
CA SER B 64 7.06 -27.75 23.61
C SER B 64 5.79 -27.43 24.40
N ASP B 65 5.35 -28.37 25.23
CA ASP B 65 4.18 -28.18 26.05
C ASP B 65 4.32 -26.85 26.80
N GLN B 66 5.54 -26.56 27.24
CA GLN B 66 5.75 -25.42 28.11
C GLN B 66 5.57 -24.09 27.35
N GLY B 67 6.15 -24.05 26.12
CA GLY B 67 6.07 -22.87 25.25
C GLY B 67 4.65 -22.63 24.71
N LEU B 68 4.02 -23.72 24.28
CA LEU B 68 2.62 -23.75 23.93
C LEU B 68 1.84 -23.05 25.03
N GLU B 69 2.05 -23.51 26.28
CA GLU B 69 1.27 -23.03 27.39
C GLU B 69 1.59 -21.55 27.65
N LEU B 70 2.84 -21.15 27.48
CA LEU B 70 3.18 -19.77 27.78
C LEU B 70 2.51 -18.86 26.74
N ALA B 71 2.55 -19.32 25.49
CA ALA B 71 2.00 -18.59 24.36
C ALA B 71 0.50 -18.32 24.57
N LEU B 72 -0.23 -19.40 24.80
CA LEU B 72 -1.67 -19.35 25.11
C LEU B 72 -1.99 -18.44 26.28
N LYS B 73 -1.09 -18.24 27.24
CA LYS B 73 -1.40 -17.31 28.32
C LYS B 73 -1.19 -15.85 27.94
N LEU B 74 -0.21 -15.57 27.09
CA LEU B 74 -0.05 -14.26 26.52
C LEU B 74 -1.27 -13.96 25.69
N ILE B 75 -1.69 -14.95 24.91
CA ILE B 75 -2.73 -14.71 23.92
C ILE B 75 -4.06 -14.40 24.64
N ALA B 76 -4.21 -15.05 25.82
CA ALA B 76 -5.37 -14.91 26.65
C ALA B 76 -5.53 -13.48 27.16
N LYS B 77 -4.44 -12.69 27.22
CA LYS B 77 -4.49 -11.33 27.72
C LYS B 77 -4.39 -10.29 26.60
N ALA B 78 -4.34 -10.76 25.35
CA ALA B 78 -4.10 -9.88 24.22
C ALA B 78 -5.39 -9.61 23.43
N ASP B 79 -5.43 -8.43 22.82
CA ASP B 79 -6.50 -8.07 21.91
C ASP B 79 -6.30 -8.56 20.49
N VAL B 80 -5.02 -8.74 20.09
CA VAL B 80 -4.67 -9.12 18.71
C VAL B 80 -3.59 -10.20 18.69
N LEU B 81 -3.76 -11.14 17.76
CA LEU B 81 -2.74 -12.07 17.38
C LEU B 81 -2.43 -11.90 15.88
N ILE B 82 -1.16 -11.76 15.52
CA ILE B 82 -0.63 -11.73 14.15
C ILE B 82 0.19 -13.01 13.90
N GLU B 83 -0.24 -13.86 12.95
CA GLU B 83 0.53 -14.96 12.43
C GLU B 83 0.62 -14.87 10.89
N GLY B 84 1.76 -15.28 10.33
CA GLY B 84 2.01 -15.28 8.92
C GLY B 84 2.54 -16.62 8.42
N TYR B 85 2.16 -17.72 9.03
CA TYR B 85 2.62 -19.01 8.53
C TYR B 85 1.65 -19.57 7.50
N ARG B 86 2.11 -20.61 6.80
CA ARG B 86 1.24 -21.41 5.98
C ARG B 86 -0.02 -21.75 6.77
N PRO B 87 -1.21 -21.66 6.14
CA PRO B 87 -2.45 -22.08 6.74
C PRO B 87 -2.26 -23.53 7.26
N GLY B 88 -2.75 -23.83 8.48
CA GLY B 88 -2.58 -25.16 9.03
C GLY B 88 -1.38 -25.27 9.96
N VAL B 89 -0.49 -24.27 9.96
CA VAL B 89 0.69 -24.32 10.82
C VAL B 89 0.24 -24.03 12.25
N THR B 90 -0.40 -22.92 12.55
CA THR B 90 -0.84 -22.64 13.92
C THR B 90 -1.81 -23.74 14.37
N GLU B 91 -2.75 -24.15 13.50
CA GLU B 91 -3.63 -25.29 13.74
C GLU B 91 -2.85 -26.44 14.40
N ARG B 92 -1.78 -26.88 13.75
CA ARG B 92 -1.06 -28.06 14.20
C ARG B 92 -0.25 -27.82 15.48
N LEU B 93 0.12 -26.57 15.75
CA LEU B 93 0.82 -26.21 16.98
C LEU B 93 -0.11 -26.12 18.19
N GLY B 94 -1.43 -26.22 18.01
CA GLY B 94 -2.38 -25.96 19.07
C GLY B 94 -2.59 -24.46 19.27
N LEU B 95 -2.09 -23.61 18.33
CA LEU B 95 -2.40 -22.18 18.42
C LEU B 95 -3.38 -21.73 17.35
N GLY B 96 -4.13 -22.66 16.76
CA GLY B 96 -5.13 -22.29 15.75
C GLY B 96 -6.24 -21.38 16.30
N PRO B 97 -7.11 -20.82 15.43
CA PRO B 97 -8.20 -19.95 15.89
C PRO B 97 -9.15 -20.49 16.97
N GLU B 98 -9.46 -21.80 16.91
CA GLU B 98 -10.37 -22.48 17.80
C GLU B 98 -9.76 -22.68 19.17
N GLU B 99 -8.51 -23.09 19.23
CA GLU B 99 -7.80 -23.17 20.49
C GLU B 99 -7.71 -21.79 21.11
N CYS B 100 -7.31 -20.75 20.34
CA CYS B 100 -7.24 -19.40 20.91
C CYS B 100 -8.58 -18.94 21.45
N ALA B 101 -9.66 -19.27 20.73
CA ALA B 101 -10.99 -18.80 21.09
C ALA B 101 -11.41 -19.34 22.47
N LYS B 102 -11.11 -20.62 22.72
CA LYS B 102 -11.28 -21.24 24.02
C LYS B 102 -10.65 -20.46 25.17
N VAL B 103 -9.58 -19.70 24.94
CA VAL B 103 -9.04 -18.95 26.07
C VAL B 103 -9.37 -17.47 25.93
N ASN B 104 -9.81 -17.03 24.73
CA ASN B 104 -9.97 -15.58 24.52
C ASN B 104 -10.79 -15.36 23.25
N ASP B 105 -12.10 -15.30 23.45
CA ASP B 105 -12.99 -15.09 22.35
C ASP B 105 -13.10 -13.64 21.97
N ARG B 106 -12.40 -12.72 22.65
CA ARG B 106 -12.33 -11.34 22.20
C ARG B 106 -11.18 -11.13 21.20
N LEU B 107 -10.48 -12.21 20.88
CA LEU B 107 -9.19 -12.06 20.18
C LEU B 107 -9.44 -11.75 18.69
N ILE B 108 -8.66 -10.83 18.17
CA ILE B 108 -8.65 -10.57 16.73
C ILE B 108 -7.52 -11.41 16.12
N TYR B 109 -7.88 -12.54 15.50
CA TYR B 109 -6.87 -13.45 15.01
C TYR B 109 -6.56 -13.15 13.53
N ALA B 110 -5.35 -12.63 13.26
CA ALA B 110 -5.02 -12.03 11.97
C ALA B 110 -4.01 -12.87 11.23
N ARG B 111 -4.42 -13.39 10.07
CA ARG B 111 -3.66 -14.33 9.29
C ARG B 111 -3.16 -13.66 8.01
N MET B 112 -1.85 -13.46 7.95
CA MET B 112 -1.16 -12.79 6.84
C MET B 112 -0.58 -13.83 5.92
N THR B 113 -1.16 -14.02 4.76
CA THR B 113 -0.65 -14.89 3.73
C THR B 113 -0.61 -14.20 2.37
N GLY B 114 0.04 -14.86 1.41
CA GLY B 114 -0.04 -14.42 0.03
C GLY B 114 -1.30 -14.86 -0.70
N TRP B 115 -1.56 -16.18 -0.65
CA TRP B 115 -2.57 -16.84 -1.43
C TRP B 115 -3.89 -16.97 -0.66
N GLY B 116 -3.89 -16.70 0.66
CA GLY B 116 -5.10 -16.82 1.46
C GLY B 116 -5.21 -18.19 2.15
N GLN B 117 -6.24 -18.35 3.00
CA GLN B 117 -6.45 -19.48 3.88
C GLN B 117 -6.77 -20.78 3.13
N THR B 118 -7.46 -20.70 1.99
CA THR B 118 -7.81 -21.89 1.20
C THR B 118 -7.53 -21.60 -0.28
N GLY B 119 -7.71 -22.64 -1.08
CA GLY B 119 -7.74 -22.60 -2.52
C GLY B 119 -6.55 -23.35 -3.06
N PRO B 120 -6.44 -23.60 -4.39
CA PRO B 120 -5.39 -24.46 -4.93
C PRO B 120 -3.96 -24.09 -4.62
N ARG B 121 -3.65 -22.79 -4.46
CA ARG B 121 -2.28 -22.37 -4.18
C ARG B 121 -1.99 -22.09 -2.70
N SER B 122 -2.95 -22.35 -1.82
CA SER B 122 -2.89 -21.94 -0.43
C SER B 122 -1.76 -22.57 0.36
N GLN B 123 -1.23 -23.73 -0.08
CA GLN B 123 -0.15 -24.44 0.57
C GLN B 123 1.17 -24.11 -0.12
N GLN B 124 1.16 -23.44 -1.27
CA GLN B 124 2.37 -23.24 -2.02
C GLN B 124 3.20 -22.01 -1.57
N ALA B 125 4.54 -22.15 -1.73
CA ALA B 125 5.48 -21.07 -1.39
C ALA B 125 5.33 -19.93 -2.38
N GLY B 126 5.65 -18.73 -1.92
CA GLY B 126 5.61 -17.68 -2.87
C GLY B 126 6.22 -16.41 -2.26
N HIS B 127 6.33 -15.39 -3.09
CA HIS B 127 6.86 -14.15 -2.57
C HIS B 127 6.02 -13.06 -3.21
N ASP B 128 6.30 -11.79 -2.87
CA ASP B 128 5.53 -10.71 -3.48
C ASP B 128 5.39 -10.82 -4.98
N ILE B 129 6.50 -11.03 -5.73
CA ILE B 129 6.46 -11.02 -7.15
C ILE B 129 5.42 -12.02 -7.66
N ASN B 130 5.34 -13.22 -7.01
CA ASN B 130 4.38 -14.23 -7.46
C ASN B 130 2.92 -13.77 -7.32
N TYR B 131 2.59 -13.17 -6.16
CA TYR B 131 1.20 -12.79 -5.89
C TYR B 131 0.71 -11.74 -6.90
N ILE B 132 1.57 -10.71 -7.21
CA ILE B 132 1.20 -9.65 -8.19
C ILE B 132 1.37 -10.18 -9.63
N SER B 133 2.01 -11.32 -9.81
CA SER B 133 2.07 -11.84 -11.16
C SER B 133 0.72 -12.43 -11.55
N LEU B 134 -0.08 -12.85 -10.54
CA LEU B 134 -1.23 -13.71 -10.77
C LEU B 134 -2.48 -12.87 -10.90
N ASN B 135 -2.40 -11.59 -10.55
CA ASN B 135 -3.61 -10.77 -10.57
C ASN B 135 -3.51 -9.58 -11.51
N GLY B 136 -2.55 -9.57 -12.47
CA GLY B 136 -2.48 -8.51 -13.46
C GLY B 136 -1.59 -7.33 -13.09
N ILE B 137 -1.16 -7.23 -11.83
CA ILE B 137 -0.43 -6.05 -11.35
C ILE B 137 0.98 -6.02 -11.96
N LEU B 138 1.75 -7.11 -11.83
CA LEU B 138 3.13 -7.03 -12.26
C LEU B 138 3.26 -6.80 -13.79
N HIS B 139 2.31 -7.36 -14.56
CA HIS B 139 2.20 -7.22 -16.02
C HIS B 139 2.07 -5.75 -16.42
N ALA B 140 1.41 -4.99 -15.59
CA ALA B 140 1.14 -3.56 -15.88
C ALA B 140 2.25 -2.59 -15.49
N ILE B 141 3.34 -3.11 -14.88
CA ILE B 141 4.47 -2.30 -14.51
C ILE B 141 5.58 -2.33 -15.57
N GLY B 142 6.06 -1.13 -15.88
CA GLY B 142 7.27 -0.97 -16.69
C GLY B 142 7.05 -0.57 -18.14
N ARG B 143 8.15 -0.52 -18.88
CA ARG B 143 8.12 0.02 -20.23
C ARG B 143 7.78 -1.09 -21.20
N GLY B 144 7.06 -0.67 -22.27
CA GLY B 144 6.62 -1.58 -23.30
C GLY B 144 7.77 -2.30 -23.99
N ASP B 145 9.00 -1.77 -23.99
CA ASP B 145 10.12 -2.43 -24.66
C ASP B 145 10.98 -3.26 -23.68
N GLU B 146 10.52 -3.44 -22.45
CA GLU B 146 11.21 -4.24 -21.44
C GLU B 146 10.24 -5.20 -20.73
N ARG B 147 10.81 -6.21 -20.11
CA ARG B 147 10.00 -7.14 -19.40
C ARG B 147 9.58 -6.50 -18.06
N PRO B 148 8.43 -6.91 -17.53
CA PRO B 148 7.90 -6.37 -16.26
C PRO B 148 8.94 -6.31 -15.15
N VAL B 149 9.09 -5.12 -14.53
CA VAL B 149 10.00 -4.98 -13.41
C VAL B 149 9.23 -4.98 -12.09
N PRO B 150 9.73 -5.74 -11.09
CA PRO B 150 9.08 -5.81 -9.76
C PRO B 150 9.15 -4.41 -9.14
N PRO B 151 8.05 -3.93 -8.59
CA PRO B 151 8.08 -2.63 -7.91
C PRO B 151 8.49 -2.87 -6.44
N LEU B 152 9.74 -3.27 -6.30
CA LEU B 152 10.25 -3.98 -5.12
C LEU B 152 9.14 -4.94 -4.67
N ASN B 153 8.93 -4.97 -3.34
CA ASN B 153 7.86 -5.68 -2.65
C ASN B 153 6.90 -4.71 -2.01
N LEU B 154 6.73 -3.53 -2.62
CA LEU B 154 5.86 -2.56 -2.04
C LEU B 154 4.36 -2.81 -2.26
N VAL B 155 3.96 -3.59 -3.27
CA VAL B 155 2.57 -3.72 -3.66
C VAL B 155 1.89 -4.95 -3.05
N GLY B 156 2.59 -6.06 -3.06
CA GLY B 156 2.13 -7.30 -2.48
C GLY B 156 2.33 -7.38 -0.97
N ASP B 157 3.62 -7.36 -0.60
CA ASP B 157 3.94 -7.46 0.81
C ASP B 157 3.33 -6.37 1.66
N PHE B 158 3.49 -5.11 1.24
CA PHE B 158 3.10 -4.00 2.08
C PHE B 158 1.75 -3.38 1.69
N GLY B 159 1.69 -2.63 0.58
CA GLY B 159 0.48 -1.93 0.15
C GLY B 159 -0.72 -2.85 0.13
N GLY B 160 -0.52 -4.09 -0.33
CA GLY B 160 -1.68 -4.95 -0.41
C GLY B 160 -1.54 -6.16 0.50
N GLY B 161 -0.63 -6.09 1.47
CA GLY B 161 -0.46 -7.17 2.41
C GLY B 161 -0.63 -6.64 3.83
N SER B 162 0.46 -6.11 4.40
CA SER B 162 0.39 -5.65 5.77
C SER B 162 -0.70 -4.58 5.98
N MET B 163 -0.88 -3.73 4.97
CA MET B 163 -1.78 -2.61 5.18
C MET B 163 -3.24 -3.08 5.26
N PHE B 164 -3.55 -4.16 4.55
CA PHE B 164 -4.83 -4.81 4.63
C PHE B 164 -4.99 -5.55 5.93
N LEU B 165 -3.97 -6.28 6.38
CA LEU B 165 -4.01 -6.86 7.73
C LEU B 165 -4.38 -5.79 8.75
N LEU B 166 -3.70 -4.62 8.67
CA LEU B 166 -3.95 -3.53 9.61
C LEU B 166 -5.38 -3.07 9.55
N VAL B 167 -5.82 -2.77 8.35
CA VAL B 167 -7.21 -2.39 8.17
C VAL B 167 -8.10 -3.46 8.76
N GLY B 168 -7.83 -4.76 8.51
CA GLY B 168 -8.78 -5.72 9.05
C GLY B 168 -8.80 -5.76 10.56
N ILE B 169 -7.58 -5.74 11.15
CA ILE B 169 -7.42 -5.74 12.56
C ILE B 169 -8.19 -4.58 13.17
N LEU B 170 -7.94 -3.34 12.67
CA LEU B 170 -8.61 -2.21 13.31
C LEU B 170 -10.12 -2.24 13.06
N ALA B 171 -10.50 -2.75 11.89
CA ALA B 171 -11.92 -2.81 11.64
C ALA B 171 -12.59 -3.80 12.61
N ALA B 172 -11.97 -4.97 12.83
CA ALA B 172 -12.57 -5.97 13.66
C ALA B 172 -12.60 -5.50 15.13
N LEU B 173 -11.62 -4.65 15.51
CA LEU B 173 -11.66 -4.01 16.80
C LEU B 173 -12.86 -3.09 16.93
N TRP B 174 -13.30 -2.43 15.84
CA TRP B 174 -14.44 -1.52 15.94
C TRP B 174 -15.71 -2.34 16.12
N GLU B 175 -15.75 -3.44 15.36
CA GLU B 175 -16.85 -4.37 15.42
C GLU B 175 -17.01 -4.89 16.85
N ARG B 176 -15.88 -5.25 17.52
CA ARG B 176 -15.87 -5.91 18.81
C ARG B 176 -16.48 -4.98 19.84
N GLN B 177 -16.43 -3.69 19.54
CA GLN B 177 -16.83 -2.63 20.46
C GLN B 177 -18.33 -2.70 20.64
N SER B 178 -19.03 -3.37 19.70
CA SER B 178 -20.47 -3.49 19.77
C SER B 178 -20.92 -4.98 19.85
N SER B 179 -20.20 -5.96 19.32
CA SER B 179 -20.57 -7.38 19.53
C SER B 179 -19.92 -7.99 20.77
N GLY B 180 -18.87 -7.35 21.30
CA GLY B 180 -18.12 -7.94 22.40
C GLY B 180 -17.19 -9.11 22.02
N LYS B 181 -17.09 -9.45 20.73
CA LYS B 181 -16.35 -10.64 20.35
C LYS B 181 -15.37 -10.26 19.23
N GLY B 182 -14.32 -11.09 19.15
CA GLY B 182 -13.35 -11.04 18.07
C GLY B 182 -13.71 -12.04 16.99
N GLN B 183 -12.76 -12.30 16.08
CA GLN B 183 -12.97 -13.08 14.87
C GLN B 183 -11.63 -13.19 14.13
N VAL B 184 -11.62 -13.90 13.01
CA VAL B 184 -10.42 -14.14 12.23
C VAL B 184 -10.42 -13.24 10.99
N VAL B 185 -9.26 -12.66 10.72
CA VAL B 185 -9.05 -11.86 9.57
C VAL B 185 -8.11 -12.61 8.65
N ASP B 186 -8.62 -12.87 7.46
CA ASP B 186 -7.90 -13.57 6.41
C ASP B 186 -7.40 -12.53 5.42
N ALA B 187 -6.10 -12.19 5.58
CA ALA B 187 -5.46 -11.18 4.75
C ALA B 187 -4.48 -11.81 3.74
N ALA B 188 -4.96 -11.89 2.50
CA ALA B 188 -4.18 -12.47 1.40
C ALA B 188 -3.72 -11.36 0.46
N MET B 189 -2.41 -11.36 0.20
CA MET B 189 -1.77 -10.34 -0.63
C MET B 189 -2.41 -10.31 -2.02
N VAL B 190 -2.81 -11.48 -2.50
CA VAL B 190 -3.41 -11.49 -3.83
C VAL B 190 -4.73 -10.73 -3.88
N ASP B 191 -5.49 -10.64 -2.76
CA ASP B 191 -6.76 -9.97 -2.68
C ASP B 191 -6.52 -8.49 -2.36
N GLY B 192 -5.66 -8.21 -1.36
CA GLY B 192 -5.36 -6.85 -0.93
C GLY B 192 -4.77 -6.06 -2.04
N SER B 193 -3.78 -6.64 -2.76
CA SER B 193 -3.22 -5.91 -3.88
C SER B 193 -4.28 -5.63 -4.96
N SER B 194 -5.17 -6.59 -5.29
CA SER B 194 -6.28 -6.32 -6.25
C SER B 194 -7.11 -5.11 -5.83
N VAL B 195 -7.47 -4.99 -4.52
CA VAL B 195 -8.28 -3.86 -4.14
C VAL B 195 -7.40 -2.61 -4.18
N LEU B 196 -6.13 -2.76 -3.85
CA LEU B 196 -5.14 -1.70 -4.00
C LEU B 196 -5.19 -1.10 -5.41
N ILE B 197 -5.34 -1.97 -6.42
CA ILE B 197 -5.32 -1.52 -7.81
C ILE B 197 -6.74 -1.37 -8.37
N GLN B 198 -7.74 -1.21 -7.48
CA GLN B 198 -9.10 -1.17 -8.00
C GLN B 198 -9.33 -0.03 -9.02
N MET B 199 -8.63 1.11 -8.86
CA MET B 199 -8.78 2.20 -9.76
C MET B 199 -8.53 1.69 -11.18
N MET B 200 -7.58 0.76 -11.36
CA MET B 200 -7.25 0.36 -12.73
C MET B 200 -8.36 -0.56 -13.23
N TRP B 201 -8.96 -1.37 -12.34
CA TRP B 201 -9.96 -2.32 -12.82
C TRP B 201 -11.21 -1.52 -13.25
N ALA B 202 -11.41 -0.38 -12.56
CA ALA B 202 -12.54 0.51 -12.84
C ALA B 202 -12.35 1.14 -14.22
N MET B 203 -11.13 1.62 -14.42
CA MET B 203 -10.68 2.29 -15.65
C MET B 203 -10.68 1.38 -16.85
N ARG B 204 -10.45 0.09 -16.65
CA ARG B 204 -10.55 -0.83 -17.76
C ARG B 204 -11.92 -0.77 -18.42
N ALA B 205 -12.96 -0.71 -17.58
CA ALA B 205 -14.34 -0.82 -18.07
C ALA B 205 -14.80 0.49 -18.71
N THR B 206 -14.11 1.62 -18.52
CA THR B 206 -14.52 2.85 -19.19
C THR B 206 -13.53 3.27 -20.30
N GLY B 207 -12.65 2.39 -20.73
CA GLY B 207 -11.58 2.77 -21.68
C GLY B 207 -10.47 3.73 -21.19
N MET B 208 -10.47 4.08 -19.91
CA MET B 208 -9.45 4.91 -19.29
C MET B 208 -8.19 4.11 -18.89
N TRP B 209 -8.08 2.80 -19.21
CA TRP B 209 -6.90 2.04 -18.99
C TRP B 209 -6.93 0.82 -19.87
N THR B 210 -5.77 0.43 -20.45
CA THR B 210 -5.65 -0.72 -21.33
C THR B 210 -4.62 -1.70 -20.80
N ASP B 211 -4.75 -2.97 -21.23
CA ASP B 211 -3.86 -4.04 -20.82
C ASP B 211 -2.50 -3.95 -21.56
N THR B 212 -2.33 -2.94 -22.45
CA THR B 212 -1.06 -2.80 -23.17
C THR B 212 -0.02 -2.13 -22.27
N ARG B 213 1.18 -2.72 -22.18
CA ARG B 213 2.18 -2.24 -21.25
C ARG B 213 2.74 -0.92 -21.76
N GLY B 214 2.91 -0.05 -20.80
CA GLY B 214 3.66 1.16 -20.96
C GLY B 214 3.03 2.12 -21.90
N ALA B 215 1.70 2.07 -22.01
CA ALA B 215 0.97 2.95 -22.90
C ALA B 215 -0.30 3.49 -22.26
N ASN B 216 -0.25 3.74 -20.96
CA ASN B 216 -1.34 4.31 -20.19
C ASN B 216 -0.94 5.66 -19.58
N MET B 217 -1.83 6.27 -18.81
CA MET B 217 -1.52 7.60 -18.30
C MET B 217 -0.58 7.56 -17.08
N LEU B 218 -0.45 6.38 -16.43
CA LEU B 218 0.19 6.33 -15.13
C LEU B 218 1.32 5.34 -15.05
N ASP B 219 1.73 4.83 -16.21
CA ASP B 219 2.64 3.69 -16.25
C ASP B 219 3.87 4.09 -17.03
N GLY B 220 3.99 5.38 -17.37
CA GLY B 220 5.12 5.82 -18.15
C GLY B 220 4.75 6.01 -19.63
N GLY B 221 3.50 5.74 -20.04
CA GLY B 221 3.06 5.90 -21.41
C GLY B 221 2.86 7.40 -21.74
N ALA B 222 2.72 8.27 -20.76
CA ALA B 222 2.31 9.67 -21.03
C ALA B 222 3.47 10.61 -20.77
N PRO B 223 3.82 11.53 -21.73
CA PRO B 223 5.06 12.34 -21.60
C PRO B 223 5.03 13.28 -20.42
N TYR B 224 3.84 13.48 -19.87
CA TYR B 224 3.68 14.38 -18.75
C TYR B 224 3.54 13.63 -17.45
N TYR B 225 3.76 12.31 -17.49
CA TYR B 225 3.66 11.51 -16.28
C TYR B 225 4.76 10.48 -16.36
N ASP B 226 5.99 10.97 -16.09
CA ASP B 226 7.18 10.14 -16.27
C ASP B 226 8.38 10.82 -15.62
N THR B 227 9.50 10.11 -15.61
CA THR B 227 10.79 10.74 -15.28
C THR B 227 11.55 11.05 -16.55
N TYR B 228 12.46 12.05 -16.41
CA TYR B 228 13.35 12.52 -17.44
C TYR B 228 14.75 12.69 -16.90
N GLU B 229 15.70 12.29 -17.71
CA GLU B 229 17.11 12.35 -17.41
C GLU B 229 17.59 13.77 -17.74
N CYS B 230 18.31 14.36 -16.79
CA CYS B 230 18.83 15.74 -16.88
C CYS B 230 20.31 15.68 -17.28
N ALA B 231 20.92 16.85 -17.35
CA ALA B 231 22.30 16.98 -17.84
C ALA B 231 23.28 16.20 -16.98
N ASP B 232 23.02 16.06 -15.65
CA ASP B 232 24.01 15.47 -14.81
C ASP B 232 23.80 13.94 -14.76
N GLY B 233 22.92 13.35 -15.56
CA GLY B 233 22.60 11.91 -15.47
C GLY B 233 21.61 11.63 -14.32
N ARG B 234 21.14 12.69 -13.66
CA ARG B 234 20.16 12.46 -12.60
C ARG B 234 18.77 12.76 -13.18
N TYR B 235 17.67 12.54 -12.41
CA TYR B 235 16.32 12.56 -12.93
C TYR B 235 15.39 13.55 -12.21
N VAL B 236 14.39 14.03 -12.99
CA VAL B 236 13.19 14.68 -12.47
C VAL B 236 11.99 13.82 -12.82
N ALA B 237 10.96 13.96 -11.97
CA ALA B 237 9.63 13.37 -12.11
C ALA B 237 8.64 14.47 -12.51
N VAL B 238 7.85 14.22 -13.56
CA VAL B 238 6.82 15.14 -14.11
C VAL B 238 5.48 14.48 -13.86
N GLY B 239 4.58 15.13 -13.14
CA GLY B 239 3.25 14.65 -12.87
C GLY B 239 2.14 15.60 -13.35
N ALA B 240 2.35 16.24 -14.51
CA ALA B 240 1.60 17.46 -14.79
C ALA B 240 0.33 17.12 -15.59
N ILE B 241 -0.68 16.53 -14.92
CA ILE B 241 -1.84 15.97 -15.58
C ILE B 241 -2.85 17.07 -15.93
N ALA B 242 -3.31 17.84 -14.96
CA ALA B 242 -4.22 18.93 -15.32
C ALA B 242 -3.60 19.86 -16.37
N PRO B 243 -4.40 20.36 -17.32
CA PRO B 243 -3.91 21.35 -18.27
C PRO B 243 -3.15 22.54 -17.67
N GLN B 244 -3.60 23.00 -16.52
CA GLN B 244 -2.95 24.16 -15.91
C GLN B 244 -1.61 23.75 -15.29
N PHE B 245 -1.44 22.43 -14.95
CA PHE B 245 -0.18 22.02 -14.38
C PHE B 245 0.81 21.90 -15.54
N TYR B 246 0.35 21.29 -16.62
CA TYR B 246 1.11 21.12 -17.86
C TYR B 246 1.60 22.49 -18.31
N ALA B 247 0.71 23.47 -18.35
CA ALA B 247 1.05 24.81 -18.82
C ALA B 247 2.23 25.33 -18.02
N ALA B 248 2.09 25.32 -16.70
CA ALA B 248 3.14 25.76 -15.79
C ALA B 248 4.45 25.05 -16.08
N MET B 249 4.44 23.72 -16.38
CA MET B 249 5.63 22.99 -16.66
C MET B 249 6.27 23.43 -17.98
N LEU B 250 5.47 23.70 -19.04
CA LEU B 250 6.01 24.21 -20.30
C LEU B 250 6.55 25.61 -20.00
N ALA B 251 5.92 26.34 -19.10
CA ALA B 251 6.38 27.74 -18.95
C ALA B 251 7.78 27.79 -18.31
N GLY B 252 8.01 26.91 -17.32
CA GLY B 252 9.32 26.80 -16.67
C GLY B 252 10.39 26.36 -17.66
N LEU B 253 10.00 25.52 -18.62
CA LEU B 253 10.94 24.99 -19.58
C LEU B 253 11.19 26.05 -20.66
N GLY B 254 10.39 27.10 -20.70
CA GLY B 254 10.51 28.08 -21.75
C GLY B 254 10.09 27.55 -23.11
N LEU B 255 9.16 26.59 -23.13
CA LEU B 255 8.66 26.00 -24.36
C LEU B 255 7.36 26.72 -24.68
N ASP B 256 7.18 27.02 -25.96
CA ASP B 256 5.98 27.66 -26.46
C ASP B 256 4.94 26.61 -26.84
N ALA B 257 3.84 26.61 -26.07
CA ALA B 257 2.75 25.67 -26.31
C ALA B 257 2.36 25.72 -27.79
N ALA B 258 2.39 26.90 -28.42
CA ALA B 258 1.91 27.01 -29.78
C ALA B 258 2.74 26.15 -30.73
N GLU B 259 4.03 25.91 -30.39
CA GLU B 259 4.91 25.17 -31.28
C GLU B 259 4.95 23.67 -30.91
N LEU B 260 4.13 23.23 -29.92
CA LEU B 260 4.18 21.84 -29.46
C LEU B 260 2.93 21.10 -29.86
N PRO B 261 2.93 19.75 -29.91
CA PRO B 261 1.68 19.06 -30.12
C PRO B 261 0.84 19.37 -28.90
N PRO B 262 -0.48 19.22 -29.03
CA PRO B 262 -1.35 19.39 -27.87
C PRO B 262 -1.08 18.30 -26.85
N GLN B 263 -1.41 18.60 -25.61
CA GLN B 263 -0.94 17.77 -24.54
C GLN B 263 -1.45 16.34 -24.73
N ASN B 264 -2.69 16.20 -25.22
CA ASN B 264 -3.33 14.90 -25.24
C ASN B 264 -3.59 14.41 -26.65
N ASP B 265 -2.74 14.85 -27.59
CA ASP B 265 -2.72 14.24 -28.89
C ASP B 265 -1.79 13.04 -28.86
N ARG B 266 -2.37 11.86 -28.57
CA ARG B 266 -1.52 10.72 -28.37
C ARG B 266 -0.67 10.48 -29.59
N ALA B 267 -1.23 10.62 -30.77
CA ALA B 267 -0.44 10.24 -31.94
C ALA B 267 0.88 10.99 -31.91
N ARG B 268 0.91 12.18 -31.32
CA ARG B 268 2.11 13.00 -31.37
C ARG B 268 2.92 12.93 -30.06
N TRP B 269 2.56 12.04 -29.14
CA TRP B 269 3.30 11.85 -27.91
C TRP B 269 4.78 11.52 -28.11
N PRO B 270 5.22 10.80 -29.18
CA PRO B 270 6.66 10.65 -29.46
C PRO B 270 7.39 11.98 -29.62
N GLU B 271 6.81 12.82 -30.44
CA GLU B 271 7.25 14.19 -30.64
C GLU B 271 7.28 14.97 -29.35
N LEU B 272 6.16 15.02 -28.60
CA LEU B 272 6.12 15.73 -27.35
C LEU B 272 7.19 15.24 -26.40
N ARG B 273 7.33 13.89 -26.22
CA ARG B 273 8.32 13.38 -25.35
C ARG B 273 9.72 13.80 -25.77
N ALA B 274 10.05 13.71 -27.07
CA ALA B 274 11.35 14.10 -27.53
C ALA B 274 11.60 15.60 -27.24
N LEU B 275 10.60 16.44 -27.34
CA LEU B 275 10.88 17.87 -27.07
C LEU B 275 11.10 18.08 -25.59
N LEU B 276 10.38 17.29 -24.75
CA LEU B 276 10.50 17.43 -23.33
C LEU B 276 11.88 16.89 -22.90
N THR B 277 12.31 15.77 -23.53
CA THR B 277 13.57 15.14 -23.25
C THR B 277 14.69 16.16 -23.53
N GLU B 278 14.65 16.83 -24.68
CA GLU B 278 15.78 17.68 -25.04
C GLU B 278 15.84 18.86 -24.07
N ALA B 279 14.68 19.29 -23.60
CA ALA B 279 14.60 20.40 -22.66
C ALA B 279 15.21 20.03 -21.31
N PHE B 280 14.80 18.87 -20.77
CA PHE B 280 15.18 18.51 -19.41
C PHE B 280 16.67 18.14 -19.39
N ALA B 281 17.18 17.68 -20.53
CA ALA B 281 18.55 17.22 -20.65
C ALA B 281 19.51 18.38 -20.74
N SER B 282 18.97 19.59 -20.94
CA SER B 282 19.81 20.75 -21.15
C SER B 282 20.36 21.32 -19.86
N HIS B 283 19.72 21.04 -18.73
CA HIS B 283 20.24 21.43 -17.41
C HIS B 283 20.20 20.29 -16.40
N ASP B 284 20.93 20.45 -15.28
CA ASP B 284 21.04 19.45 -14.21
C ASP B 284 19.72 19.44 -13.39
N ARG B 285 19.50 18.30 -12.72
CA ARG B 285 18.34 18.05 -11.89
C ARG B 285 18.08 19.27 -11.02
N ASP B 286 19.08 19.67 -10.27
CA ASP B 286 18.87 20.68 -9.23
C ASP B 286 18.52 22.02 -9.87
N HIS B 287 18.91 22.31 -11.12
CA HIS B 287 18.45 23.51 -11.80
C HIS B 287 16.92 23.52 -11.92
N TRP B 288 16.30 22.35 -12.20
CA TRP B 288 14.86 22.30 -12.36
C TRP B 288 14.15 22.51 -11.01
N GLY B 289 14.75 22.12 -9.87
CA GLY B 289 14.15 22.43 -8.56
C GLY B 289 14.09 23.96 -8.36
N ALA B 290 15.06 24.67 -8.89
CA ALA B 290 15.03 26.13 -8.71
C ALA B 290 13.98 26.71 -9.65
N VAL B 291 13.98 26.29 -10.92
CA VAL B 291 13.07 26.86 -11.92
C VAL B 291 11.63 26.76 -11.43
N PHE B 292 11.25 25.55 -10.96
CA PHE B 292 9.86 25.19 -10.77
C PHE B 292 9.44 25.54 -9.35
N ALA B 293 10.33 26.27 -8.64
CA ALA B 293 10.12 26.61 -7.24
C ALA B 293 8.76 27.27 -7.06
N ASN B 294 8.01 26.71 -6.12
CA ASN B 294 6.76 27.28 -5.71
C ASN B 294 5.69 27.26 -6.79
N SER B 295 5.69 26.26 -7.67
CA SER B 295 4.79 26.29 -8.81
C SER B 295 3.92 25.07 -8.75
N ASP B 296 2.98 25.03 -9.69
CA ASP B 296 2.11 23.88 -9.79
C ASP B 296 2.47 23.04 -10.99
N ALA B 297 3.73 23.10 -11.42
CA ALA B 297 4.20 22.46 -12.62
C ALA B 297 4.31 20.96 -12.37
N CYS B 298 4.22 20.56 -11.12
CA CYS B 298 4.33 19.13 -10.75
C CYS B 298 5.62 18.55 -11.28
N VAL B 299 6.72 19.33 -11.07
CA VAL B 299 8.07 18.86 -11.40
C VAL B 299 8.89 18.79 -10.13
N THR B 300 9.36 17.57 -9.77
CA THR B 300 10.18 17.36 -8.57
C THR B 300 11.52 16.70 -8.90
N PRO B 301 12.60 16.87 -8.08
CA PRO B 301 13.81 16.10 -8.26
C PRO B 301 13.49 14.67 -7.80
N VAL B 302 14.04 13.75 -8.52
CA VAL B 302 14.05 12.33 -8.04
C VAL B 302 15.30 12.11 -7.14
N LEU B 303 15.07 12.08 -5.81
CA LEU B 303 16.16 11.95 -4.81
C LEU B 303 16.40 10.46 -4.60
N ALA B 304 17.68 10.09 -4.53
CA ALA B 304 18.12 8.79 -3.99
C ALA B 304 17.99 8.82 -2.46
N PHE B 305 17.88 7.65 -1.86
CA PHE B 305 17.58 7.53 -0.42
C PHE B 305 18.58 8.37 0.39
N GLY B 306 19.83 8.41 -0.10
CA GLY B 306 20.91 8.94 0.72
C GLY B 306 20.87 10.49 0.64
N GLU B 307 19.99 11.06 -0.19
CA GLU B 307 19.85 12.53 -0.29
C GLU B 307 18.57 13.01 0.38
N VAL B 308 17.69 12.07 0.69
CA VAL B 308 16.36 12.45 1.20
C VAL B 308 16.39 13.35 2.44
N HIS B 309 17.27 13.07 3.41
CA HIS B 309 17.20 13.70 4.75
C HIS B 309 17.64 15.16 4.58
N ASN B 310 18.32 15.51 3.46
CA ASN B 310 18.67 16.90 3.18
C ASN B 310 17.59 17.73 2.48
N GLU B 311 16.46 17.14 2.07
CA GLU B 311 15.42 17.91 1.39
C GLU B 311 14.57 18.73 2.36
N PRO B 312 14.45 20.06 2.15
CA PRO B 312 13.80 20.87 3.17
C PRO B 312 12.42 20.49 3.69
N HIS B 313 11.50 20.12 2.77
CA HIS B 313 10.17 19.66 3.15
C HIS B 313 10.26 18.40 4.00
N ILE B 314 11.26 17.58 3.77
CA ILE B 314 11.42 16.33 4.57
C ILE B 314 12.02 16.74 5.93
N ILE B 315 12.94 17.71 5.91
CA ILE B 315 13.52 18.21 7.17
C ILE B 315 12.40 18.82 8.01
N GLU B 316 11.63 19.73 7.41
CA GLU B 316 10.75 20.55 8.21
C GLU B 316 9.64 19.77 8.86
N ARG B 317 9.28 18.63 8.29
CA ARG B 317 8.17 17.87 8.81
C ARG B 317 8.68 16.65 9.60
N ASN B 318 9.97 16.42 9.70
CA ASN B 318 10.42 15.31 10.54
C ASN B 318 9.84 14.00 10.02
N THR B 319 9.94 13.79 8.70
CA THR B 319 9.44 12.53 8.12
C THR B 319 10.33 11.33 8.50
N PHE B 320 11.59 11.58 8.83
CA PHE B 320 12.55 10.59 9.25
C PHE B 320 13.17 11.01 10.60
N TYR B 321 13.78 10.02 11.25
CA TYR B 321 14.53 10.16 12.51
C TYR B 321 15.83 9.37 12.29
N GLU B 322 16.89 9.72 13.03
CA GLU B 322 18.19 9.07 12.96
C GLU B 322 18.27 7.84 13.88
N ALA B 323 18.74 6.73 13.33
CA ALA B 323 18.94 5.49 14.05
C ALA B 323 19.95 4.61 13.31
N ASN B 324 21.01 4.14 14.03
CA ASN B 324 22.03 3.23 13.48
C ASN B 324 22.83 3.84 12.32
N GLY B 325 23.09 3.04 11.27
CA GLY B 325 23.49 3.57 9.97
C GLY B 325 22.96 5.00 9.76
N GLY B 326 21.63 5.15 9.84
CA GLY B 326 21.04 6.41 9.43
C GLY B 326 19.53 6.45 9.67
N TRP B 327 18.79 6.57 8.61
CA TRP B 327 17.48 7.10 8.80
C TRP B 327 16.44 6.01 8.72
N GLN B 328 15.40 6.23 9.53
CA GLN B 328 14.16 5.47 9.52
C GLN B 328 12.97 6.44 9.53
N PRO B 329 11.85 6.02 8.89
CA PRO B 329 10.65 6.86 8.80
C PRO B 329 9.96 6.95 10.16
N MET B 330 9.58 8.16 10.52
CA MET B 330 8.75 8.37 11.70
C MET B 330 7.40 7.76 11.46
N PRO B 331 6.60 7.55 12.53
CA PRO B 331 5.26 7.03 12.38
C PRO B 331 4.34 7.80 11.46
N ALA B 332 3.49 7.00 10.80
CA ALA B 332 2.45 7.56 9.96
C ALA B 332 1.19 6.75 10.12
N PRO B 333 0.00 7.36 9.91
CA PRO B 333 -0.14 8.84 9.76
C PRO B 333 -0.03 9.56 11.10
N ARG B 334 -0.23 10.91 11.10
CA ARG B 334 -0.10 11.78 12.27
C ARG B 334 -1.46 12.15 12.86
N PHE B 335 -1.49 12.24 14.20
CA PHE B 335 -2.72 12.51 14.97
C PHE B 335 -2.55 13.76 15.83
N SER B 336 -3.55 14.63 15.73
CA SER B 336 -3.45 15.98 16.29
C SER B 336 -3.40 15.92 17.81
N ARG B 337 -4.13 14.99 18.45
CA ARG B 337 -4.28 15.02 19.90
C ARG B 337 -3.47 13.93 20.60
N THR B 338 -3.61 12.64 20.22
CA THR B 338 -2.70 11.61 20.73
C THR B 338 -1.58 11.27 19.76
N ALA B 339 -0.56 12.14 19.66
CA ALA B 339 0.55 11.93 18.73
C ALA B 339 1.45 10.75 19.09
N SER B 340 1.97 10.06 18.04
CA SER B 340 3.02 9.06 18.24
C SER B 340 4.28 9.79 18.67
N SER B 341 5.17 9.09 19.36
CA SER B 341 6.52 9.58 19.61
C SER B 341 7.56 8.84 18.73
N GLN B 342 8.82 9.26 18.83
CA GLN B 342 9.89 8.63 18.08
C GLN B 342 9.97 7.14 18.44
N PRO B 343 10.04 6.21 17.48
CA PRO B 343 10.05 4.79 17.81
C PRO B 343 11.19 4.40 18.75
N ARG B 344 10.88 3.43 19.56
CA ARG B 344 11.83 2.82 20.47
C ARG B 344 12.56 1.73 19.71
N PRO B 345 13.87 1.65 19.89
CA PRO B 345 14.64 0.58 19.26
C PRO B 345 14.28 -0.82 19.71
N PRO B 346 14.72 -1.82 18.95
CA PRO B 346 14.70 -3.19 19.42
C PRO B 346 15.68 -3.19 20.61
N ALA B 347 15.19 -3.77 21.72
CA ALA B 347 15.97 -3.91 22.94
C ALA B 347 16.49 -5.35 23.07
N ALA B 348 17.16 -5.71 24.17
CA ALA B 348 17.41 -7.13 24.39
C ALA B 348 16.08 -7.88 24.55
N THR B 349 16.16 -9.20 24.30
CA THR B 349 15.15 -10.18 24.68
C THR B 349 14.66 -9.85 26.08
N ILE B 350 13.45 -10.32 26.43
CA ILE B 350 13.06 -10.27 27.81
C ILE B 350 12.36 -11.59 28.13
N ASP B 351 12.01 -11.73 29.41
CA ASP B 351 11.42 -12.96 29.91
C ASP B 351 9.90 -12.93 29.73
N ILE B 352 9.33 -14.07 29.38
CA ILE B 352 7.92 -14.16 29.06
C ILE B 352 7.05 -14.01 30.31
N GLU B 353 7.43 -14.68 31.42
CA GLU B 353 6.72 -14.59 32.68
C GLU B 353 6.74 -13.14 33.12
N ALA B 354 7.81 -12.42 32.77
CA ALA B 354 7.86 -11.02 33.14
C ALA B 354 6.68 -10.28 32.51
N VAL B 355 6.43 -10.56 31.22
CA VAL B 355 5.42 -9.82 30.47
C VAL B 355 4.02 -10.13 31.02
N LEU B 356 3.71 -11.42 31.20
CA LEU B 356 2.51 -11.85 31.90
C LEU B 356 2.23 -11.06 33.16
N THR B 357 3.27 -10.97 34.00
CA THR B 357 3.16 -10.32 35.29
C THR B 357 2.87 -8.84 35.03
N ASP B 358 3.51 -8.23 34.01
CA ASP B 358 3.17 -6.87 33.64
C ASP B 358 1.71 -6.82 33.21
N TRP B 359 1.27 -7.80 32.42
CA TRP B 359 -0.07 -7.77 31.88
C TRP B 359 -1.09 -8.25 32.92
N ASP B 360 -0.58 -8.91 33.99
CA ASP B 360 -1.26 -9.43 35.19
C ASP B 360 -1.64 -10.89 35.02
C1 EDO C . 25.95 -8.19 -10.43
O1 EDO C . 26.03 -9.40 -11.09
C2 EDO C . 25.80 -8.51 -8.97
O2 EDO C . 25.06 -7.64 -8.10
H11 EDO C . 25.18 -7.68 -10.74
H12 EDO C . 26.77 -7.67 -10.57
HO1 EDO C . 26.11 -9.24 -11.93
H21 EDO C . 26.70 -8.59 -8.60
H22 EDO C . 25.38 -9.39 -8.90
HO2 EDO C . 24.88 -6.92 -8.51
C1 EDO D . -15.09 -10.53 0.78
O1 EDO D . -14.43 -10.61 -0.47
C2 EDO D . -16.19 -11.49 0.93
O2 EDO D . -16.57 -11.60 2.29
H11 EDO D . -15.44 -9.63 0.88
H12 EDO D . -14.43 -10.68 1.48
HO1 EDO D . -13.79 -10.06 -0.50
H21 EDO D . -15.91 -12.37 0.60
H22 EDO D . -16.96 -11.19 0.40
HO2 EDO D . -16.13 -11.04 2.74
C1 EDO E . -3.25 9.79 -10.42
O1 EDO E . -3.87 11.02 -10.30
C2 EDO E . -1.82 9.94 -10.02
O2 EDO E . -1.67 10.60 -8.79
H11 EDO E . -3.30 9.48 -11.34
H12 EDO E . -3.68 9.14 -9.84
HO1 EDO E . -4.68 10.94 -10.53
H21 EDO E . -1.35 10.45 -10.71
H22 EDO E . -1.41 9.05 -9.96
HO2 EDO E . -2.44 10.82 -8.49
C1 PGE F . 25.58 4.12 -3.41
O1 PGE F . 25.14 3.01 -4.11
C2 PGE F . 26.84 3.78 -2.68
O2 PGE F . 26.95 2.38 -2.45
C3 PGE F . 26.00 1.80 -1.58
C4 PGE F . 25.34 2.75 -0.65
O4 PGE F . 24.87 3.22 1.96
C6 PGE F . 23.90 2.20 1.57
C5 PGE F . 23.12 2.58 0.40
O3 PGE F . 23.91 2.60 -0.80
H1 PGE F . 24.90 4.40 -2.78
H12 PGE F . 25.75 4.86 -4.04
HO1 PGE F . 24.41 3.20 -4.55
H2 PGE F . 26.88 4.27 -1.84
H22 PGE F . 27.60 4.08 -3.23
H3 PGE F . 26.42 1.10 -1.08
H32 PGE F . 25.30 1.38 -2.13
H4 PGE F . 25.60 3.67 -0.83
H42 PGE F . 25.60 2.53 0.27
HO4 PGE F . 24.52 3.98 1.84
H6 PGE F . 23.29 2.04 2.32
H62 PGE F . 24.37 1.36 1.39
H5 PGE F . 22.74 3.48 0.55
H52 PGE F . 22.38 1.95 0.28
C1 EDO G . 15.19 14.33 7.89
O1 EDO G . 15.47 15.51 7.15
C2 EDO G . 14.10 14.55 8.92
O2 EDO G . 12.77 14.25 8.45
H11 EDO G . 16.01 14.02 8.35
H12 EDO G . 14.90 13.62 7.27
HO1 EDO G . 16.09 15.36 6.60
H21 EDO G . 14.14 15.48 9.21
H22 EDO G . 14.29 13.99 9.70
HO2 EDO G . 12.75 14.33 7.61
C1 EDO H . 0.21 6.73 -27.38
O1 EDO H . -0.28 5.92 -26.31
C2 EDO H . 1.62 6.53 -27.89
O2 EDO H . 1.84 7.34 -29.03
H11 EDO H . 0.12 7.66 -27.10
H12 EDO H . -0.40 6.59 -28.14
HO1 EDO H . -1.09 6.14 -26.14
H21 EDO H . 1.76 5.59 -28.12
H22 EDO H . 2.26 6.78 -27.18
HO2 EDO H . 1.18 7.84 -29.16
C1 EDO I . 9.57 -10.55 -1.11
O1 EDO I . 8.41 -11.07 -0.65
C2 EDO I . 10.73 -10.53 -0.16
O2 EDO I . 10.57 -11.30 0.96
H11 EDO I . 9.40 -9.62 -1.38
H12 EDO I . 9.84 -11.05 -1.91
HO1 EDO I . 7.83 -10.97 -1.24
H21 EDO I . 10.90 -9.61 0.11
H22 EDO I . 11.52 -10.86 -0.65
HO2 EDO I . 9.75 -11.48 1.07
#